data_5M7N
#
_entry.id   5M7N
#
_cell.length_a   116.867
_cell.length_b   191.611
_cell.length_c   111.702
_cell.angle_alpha   90.00
_cell.angle_beta   90.00
_cell.angle_gamma   90.00
#
_symmetry.space_group_name_H-M   'C 2 2 21'
#
loop_
_entity.id
_entity.type
_entity.pdbx_description
1 polymer 'Nitrogen assimilation regulatory protein'
2 non-polymer 'MAGNESIUM ION'
3 non-polymer "ADENOSINE-5'-TRIPHOSPHATE"
4 water water
#
_entity_poly.entity_id   1
_entity_poly.type   'polypeptide(L)'
_entity_poly.pdbx_seq_one_letter_code
;GMAADILVVDDEVDIRDLVAGILSDEGHETRTAFDADSALAAINDRAPRLVFLDIWLQGSRLDGLALLDEIKKQHPELPV
VMISGHGNIETAVSAIRRGAYDFIEKPFKADRLILVAERALETSKLKREVSDLRKRTGDQLELVGTSLAMNQLRQTIERV
APTNSRIMITGPSGAGKELVARAIHAQSSRANGPFVTVNAATITPERMEIELFGTEMDGGERKVGALEEAHGGILYLDEV
ADMPRETQNKILRVLVDQQFERVGGTKRVKVDVRIISSTAQNLEGMIAEGTFREDLFHRLSVVPVQVPALAARREDIPSL
VEFFMKQIAEQAGIKPRKIGPDAMAVLQAHSWPGNLRQLRNNVERLMILTRGDDPDELVTADLLPAEIGDTLPRAPTESD
QHIMALPLREARERFEKEYLIAQINRFGGNISRTAEFVGMERSALHRKLKSLGV
;
_entity_poly.pdbx_strand_id   A,B
#
loop_
_chem_comp.id
_chem_comp.type
_chem_comp.name
_chem_comp.formula
ATP non-polymer ADENOSINE-5'-TRIPHOSPHATE 'C10 H16 N5 O13 P3'
MG non-polymer 'MAGNESIUM ION' 'Mg 2'
#
# COMPACT_ATOMS: atom_id res chain seq x y z
N MET A 2 3.25 -25.65 -7.28
CA MET A 2 2.33 -24.92 -6.39
C MET A 2 1.82 -25.81 -5.23
N ALA A 3 1.45 -27.09 -5.57
CA ALA A 3 0.90 -28.12 -4.67
C ALA A 3 -0.40 -27.65 -4.00
N ALA A 4 -1.41 -27.35 -4.84
CA ALA A 4 -2.68 -26.84 -4.35
C ALA A 4 -3.70 -27.91 -3.92
N ASP A 5 -4.54 -27.54 -2.95
CA ASP A 5 -5.62 -28.40 -2.49
C ASP A 5 -6.81 -28.11 -3.41
N ILE A 6 -7.11 -29.07 -4.30
CA ILE A 6 -8.20 -28.92 -5.29
C ILE A 6 -9.35 -29.90 -5.00
N LEU A 7 -10.59 -29.41 -5.07
CA LEU A 7 -11.80 -30.21 -4.89
C LEU A 7 -12.45 -30.41 -6.25
N VAL A 8 -12.73 -31.69 -6.61
CA VAL A 8 -13.31 -32.09 -7.90
C VAL A 8 -14.75 -32.58 -7.67
N VAL A 9 -15.73 -31.82 -8.19
CA VAL A 9 -17.15 -32.10 -8.05
C VAL A 9 -17.82 -32.37 -9.42
N ASP A 10 -18.15 -33.63 -9.68
CA ASP A 10 -18.88 -34.11 -10.87
C ASP A 10 -19.73 -35.30 -10.43
N ASP A 11 -20.86 -35.52 -11.12
CA ASP A 11 -21.75 -36.67 -10.84
C ASP A 11 -21.20 -37.93 -11.54
N GLU A 12 -20.26 -37.73 -12.49
CA GLU A 12 -19.66 -38.85 -13.22
C GLU A 12 -18.31 -39.24 -12.62
N VAL A 13 -18.27 -40.46 -12.06
CA VAL A 13 -17.11 -41.10 -11.46
C VAL A 13 -15.90 -41.12 -12.43
N ASP A 14 -16.12 -41.42 -13.76
CA ASP A 14 -15.04 -41.47 -14.77
C ASP A 14 -14.30 -40.13 -14.82
N ILE A 15 -15.09 -39.02 -14.76
CA ILE A 15 -14.62 -37.64 -14.78
C ILE A 15 -13.95 -37.21 -13.48
N ARG A 16 -14.65 -37.33 -12.32
CA ARG A 16 -14.08 -37.04 -10.99
C ARG A 16 -12.67 -37.61 -10.94
N ASP A 17 -12.56 -38.96 -11.07
CA ASP A 17 -11.33 -39.71 -11.04
C ASP A 17 -10.31 -39.22 -12.07
N LEU A 18 -10.77 -38.79 -13.27
CA LEU A 18 -9.88 -38.33 -14.34
C LEU A 18 -9.27 -36.97 -14.01
N VAL A 19 -10.12 -35.99 -13.59
CA VAL A 19 -9.73 -34.64 -13.17
C VAL A 19 -8.78 -34.77 -11.95
N ALA A 20 -9.22 -35.51 -10.92
CA ALA A 20 -8.47 -35.79 -9.70
C ALA A 20 -7.12 -36.47 -9.97
N GLY A 21 -7.11 -37.37 -10.94
CA GLY A 21 -5.94 -38.13 -11.33
C GLY A 21 -4.89 -37.29 -12.02
N ILE A 22 -5.29 -36.56 -13.09
CA ILE A 22 -4.39 -35.71 -13.88
C ILE A 22 -3.70 -34.68 -12.94
N LEU A 23 -4.52 -33.97 -12.13
CA LEU A 23 -4.06 -32.92 -11.23
C LEU A 23 -3.22 -33.44 -10.08
N SER A 24 -3.56 -34.62 -9.49
CA SER A 24 -2.70 -35.16 -8.43
C SER A 24 -1.33 -35.56 -8.98
N ASP A 25 -1.28 -36.10 -10.21
CA ASP A 25 -0.01 -36.47 -10.85
C ASP A 25 0.82 -35.24 -11.17
N GLU A 26 0.18 -34.05 -11.18
CA GLU A 26 0.86 -32.77 -11.43
C GLU A 26 1.49 -32.20 -10.15
N GLY A 27 1.12 -32.76 -9.00
CA GLY A 27 1.67 -32.35 -7.71
C GLY A 27 0.62 -31.83 -6.75
N HIS A 28 -0.62 -31.70 -7.22
CA HIS A 28 -1.68 -31.18 -6.38
C HIS A 28 -2.23 -32.23 -5.43
N GLU A 29 -3.01 -31.76 -4.46
CA GLU A 29 -3.68 -32.56 -3.46
C GLU A 29 -5.13 -32.50 -3.90
N THR A 30 -5.63 -33.57 -4.55
CA THR A 30 -7.01 -33.60 -5.08
C THR A 30 -7.98 -34.38 -4.18
N ARG A 31 -9.17 -33.82 -3.93
CA ARG A 31 -10.26 -34.42 -3.16
C ARG A 31 -11.47 -34.44 -4.08
N THR A 32 -12.32 -35.48 -3.98
CA THR A 32 -13.49 -35.65 -4.85
C THR A 32 -14.79 -35.66 -4.07
N ALA A 33 -15.85 -35.14 -4.70
CA ALA A 33 -17.23 -35.14 -4.18
C ALA A 33 -18.20 -35.33 -5.38
N PHE A 34 -19.27 -36.10 -5.16
CA PHE A 34 -20.26 -36.50 -6.17
C PHE A 34 -21.54 -35.70 -6.16
N ASP A 35 -21.86 -35.05 -5.02
CA ASP A 35 -23.06 -34.25 -4.90
C ASP A 35 -22.80 -32.97 -4.06
N ALA A 36 -23.80 -32.05 -3.99
CA ALA A 36 -23.68 -30.80 -3.25
C ALA A 36 -23.34 -31.03 -1.77
N ASP A 37 -24.05 -31.97 -1.10
CA ASP A 37 -23.83 -32.30 0.31
C ASP A 37 -22.43 -32.85 0.59
N SER A 38 -21.93 -33.75 -0.27
CA SER A 38 -20.59 -34.32 -0.16
C SER A 38 -19.51 -33.27 -0.49
N ALA A 39 -19.84 -32.27 -1.35
CA ALA A 39 -18.95 -31.16 -1.72
C ALA A 39 -18.81 -30.20 -0.55
N LEU A 40 -19.94 -29.76 0.02
CA LEU A 40 -20.00 -28.89 1.20
C LEU A 40 -19.37 -29.55 2.43
N ALA A 41 -19.37 -30.89 2.45
CA ALA A 41 -18.74 -31.72 3.48
C ALA A 41 -17.23 -31.56 3.36
N ALA A 42 -16.69 -31.56 2.12
CA ALA A 42 -15.27 -31.38 1.83
C ALA A 42 -14.77 -29.97 2.17
N ILE A 43 -15.60 -28.92 1.91
CA ILE A 43 -15.30 -27.51 2.21
C ILE A 43 -15.21 -27.37 3.74
N ASN A 44 -16.12 -28.04 4.45
CA ASN A 44 -16.12 -28.05 5.90
C ASN A 44 -14.86 -28.72 6.44
N ASP A 45 -14.42 -29.83 5.80
CA ASP A 45 -13.22 -30.56 6.23
C ASP A 45 -12.03 -29.63 6.23
N ARG A 46 -11.91 -28.80 5.16
CA ARG A 46 -10.87 -27.80 4.92
C ARG A 46 -11.15 -27.07 3.63
N ALA A 47 -10.95 -25.75 3.64
CA ALA A 47 -11.22 -24.94 2.46
C ALA A 47 -10.15 -25.20 1.41
N PRO A 48 -10.57 -25.56 0.17
CA PRO A 48 -9.58 -25.83 -0.88
C PRO A 48 -9.07 -24.52 -1.46
N ARG A 49 -8.05 -24.60 -2.33
CA ARG A 49 -7.45 -23.44 -3.00
C ARG A 49 -8.11 -23.24 -4.37
N LEU A 50 -8.88 -24.26 -4.83
CA LEU A 50 -9.55 -24.28 -6.13
C LEU A 50 -10.63 -25.35 -6.14
N VAL A 51 -11.70 -25.12 -6.93
CA VAL A 51 -12.84 -26.04 -7.14
C VAL A 51 -13.06 -26.26 -8.66
N PHE A 52 -13.36 -27.52 -9.05
CA PHE A 52 -13.74 -27.93 -10.41
C PHE A 52 -15.16 -28.45 -10.23
N LEU A 53 -16.17 -27.65 -10.63
CA LEU A 53 -17.59 -27.99 -10.43
C LEU A 53 -18.40 -28.22 -11.72
N ASP A 54 -18.99 -29.44 -11.86
CA ASP A 54 -19.85 -29.84 -12.99
C ASP A 54 -21.09 -28.95 -12.99
N ILE A 55 -21.49 -28.46 -14.18
CA ILE A 55 -22.62 -27.55 -14.36
C ILE A 55 -23.97 -28.11 -13.88
N TRP A 56 -24.19 -29.43 -14.12
CA TRP A 56 -25.46 -30.16 -13.97
C TRP A 56 -25.74 -30.85 -12.64
N LEU A 57 -24.92 -31.85 -12.24
CA LEU A 57 -25.07 -32.61 -10.98
C LEU A 57 -26.44 -33.34 -10.77
N GLN A 58 -26.90 -34.19 -11.74
CA GLN A 58 -28.16 -34.91 -11.55
C GLN A 58 -28.06 -35.82 -10.31
N GLY A 59 -29.09 -35.80 -9.47
CA GLY A 59 -29.16 -36.60 -8.26
C GLY A 59 -28.75 -35.92 -6.96
N SER A 60 -28.80 -34.58 -6.91
CA SER A 60 -28.45 -33.88 -5.67
C SER A 60 -29.49 -32.82 -5.26
N ARG A 61 -29.34 -32.31 -4.01
CA ARG A 61 -30.19 -31.28 -3.39
C ARG A 61 -30.11 -29.96 -4.16
N LEU A 62 -28.94 -29.70 -4.81
CA LEU A 62 -28.63 -28.49 -5.59
C LEU A 62 -27.89 -28.78 -6.90
N ASP A 63 -28.36 -28.17 -8.02
CA ASP A 63 -27.73 -28.19 -9.36
C ASP A 63 -26.28 -27.64 -9.24
N GLY A 64 -25.46 -27.80 -10.26
CA GLY A 64 -24.10 -27.27 -10.26
C GLY A 64 -24.04 -25.76 -10.06
N LEU A 65 -24.94 -25.01 -10.72
CA LEU A 65 -25.05 -23.56 -10.62
C LEU A 65 -25.56 -23.16 -9.24
N ALA A 66 -26.42 -23.99 -8.64
CA ALA A 66 -26.96 -23.75 -7.30
C ALA A 66 -25.86 -23.93 -6.23
N LEU A 67 -24.94 -24.92 -6.39
CA LEU A 67 -23.83 -25.16 -5.48
C LEU A 67 -22.73 -24.09 -5.67
N LEU A 68 -22.56 -23.57 -6.91
CA LEU A 68 -21.62 -22.48 -7.27
C LEU A 68 -21.89 -21.29 -6.35
N ASP A 69 -23.17 -20.97 -6.17
CA ASP A 69 -23.65 -19.89 -5.33
C ASP A 69 -23.30 -20.13 -3.88
N GLU A 70 -23.45 -21.38 -3.38
CA GLU A 70 -23.17 -21.69 -1.97
C GLU A 70 -21.67 -21.64 -1.65
N ILE A 71 -20.82 -22.19 -2.55
CA ILE A 71 -19.35 -22.16 -2.40
C ILE A 71 -18.88 -20.68 -2.37
N LYS A 72 -19.40 -19.86 -3.29
CA LYS A 72 -19.06 -18.45 -3.36
C LYS A 72 -19.57 -17.65 -2.16
N LYS A 73 -20.72 -18.04 -1.59
CA LYS A 73 -21.30 -17.37 -0.43
C LYS A 73 -20.36 -17.53 0.78
N GLN A 74 -19.96 -18.79 1.07
CA GLN A 74 -19.07 -19.19 2.16
C GLN A 74 -17.67 -18.63 1.93
N HIS A 75 -17.07 -18.95 0.78
CA HIS A 75 -15.73 -18.51 0.38
C HIS A 75 -15.84 -17.66 -0.88
N PRO A 76 -15.96 -16.33 -0.74
CA PRO A 76 -16.10 -15.48 -1.94
C PRO A 76 -14.86 -15.39 -2.84
N GLU A 77 -13.67 -15.63 -2.26
CA GLU A 77 -12.40 -15.56 -2.98
C GLU A 77 -11.90 -16.92 -3.56
N LEU A 78 -12.66 -18.02 -3.33
CA LEU A 78 -12.28 -19.37 -3.80
C LEU A 78 -12.61 -19.56 -5.28
N PRO A 79 -11.60 -19.69 -6.17
CA PRO A 79 -11.92 -19.84 -7.60
C PRO A 79 -12.66 -21.14 -7.89
N VAL A 80 -13.55 -21.09 -8.89
CA VAL A 80 -14.35 -22.23 -9.34
C VAL A 80 -14.27 -22.32 -10.85
N VAL A 81 -13.89 -23.50 -11.37
CA VAL A 81 -13.84 -23.80 -12.81
C VAL A 81 -14.93 -24.79 -13.06
N MET A 82 -15.83 -24.51 -14.00
CA MET A 82 -16.95 -25.40 -14.28
C MET A 82 -16.58 -26.51 -15.28
N ILE A 83 -17.31 -27.63 -15.22
CA ILE A 83 -17.16 -28.74 -16.15
C ILE A 83 -18.49 -28.86 -16.92
N SER A 84 -18.43 -28.53 -18.21
CA SER A 84 -19.57 -28.58 -19.13
C SER A 84 -19.15 -29.51 -20.27
N GLY A 85 -20.13 -30.06 -21.00
CA GLY A 85 -19.81 -30.98 -22.09
C GLY A 85 -20.58 -30.82 -23.37
N HIS A 86 -19.88 -31.03 -24.49
CA HIS A 86 -20.30 -31.04 -25.91
C HIS A 86 -21.00 -29.72 -26.35
N GLY A 87 -20.23 -28.63 -26.31
CA GLY A 87 -20.64 -27.28 -26.73
C GLY A 87 -21.98 -26.77 -26.25
N ASN A 88 -22.42 -27.09 -25.00
CA ASN A 88 -23.67 -26.56 -24.44
C ASN A 88 -23.28 -25.41 -23.44
N ILE A 89 -22.23 -24.67 -23.88
CA ILE A 89 -21.45 -23.60 -23.24
C ILE A 89 -22.22 -22.31 -22.88
N GLU A 90 -23.44 -22.07 -23.47
CA GLU A 90 -24.20 -20.87 -23.09
C GLU A 90 -24.43 -20.93 -21.57
N THR A 91 -24.65 -22.15 -21.05
CA THR A 91 -24.83 -22.45 -19.64
C THR A 91 -23.57 -22.08 -18.87
N ALA A 92 -22.41 -22.42 -19.45
CA ALA A 92 -21.10 -22.17 -18.84
C ALA A 92 -20.75 -20.70 -18.74
N VAL A 93 -21.12 -19.89 -19.76
CA VAL A 93 -20.86 -18.44 -19.73
C VAL A 93 -21.71 -17.79 -18.64
N SER A 94 -22.94 -18.32 -18.41
CA SER A 94 -23.84 -17.84 -17.37
C SER A 94 -23.23 -18.11 -16.02
N ALA A 95 -22.48 -19.22 -15.89
CA ALA A 95 -21.78 -19.64 -14.69
C ALA A 95 -20.64 -18.65 -14.42
N ILE A 96 -19.94 -18.22 -15.47
CA ILE A 96 -18.86 -17.22 -15.36
C ILE A 96 -19.49 -15.94 -14.86
N ARG A 97 -20.61 -15.57 -15.48
CA ARG A 97 -21.40 -14.40 -15.14
C ARG A 97 -21.87 -14.52 -13.68
N ARG A 98 -22.05 -15.76 -13.20
CA ARG A 98 -22.51 -16.05 -11.85
C ARG A 98 -21.40 -16.18 -10.80
N GLY A 99 -20.13 -16.05 -11.21
CA GLY A 99 -19.01 -16.12 -10.27
C GLY A 99 -17.87 -17.10 -10.53
N ALA A 100 -18.02 -17.99 -11.52
CA ALA A 100 -16.99 -18.96 -11.82
C ALA A 100 -15.86 -18.29 -12.60
N TYR A 101 -14.62 -18.67 -12.32
CA TYR A 101 -13.45 -18.09 -12.96
C TYR A 101 -13.45 -18.44 -14.44
N ASP A 102 -13.44 -19.74 -14.73
CA ASP A 102 -13.43 -20.26 -16.09
C ASP A 102 -14.28 -21.55 -16.11
N PHE A 103 -14.35 -22.21 -17.28
CA PHE A 103 -14.98 -23.51 -17.48
C PHE A 103 -14.05 -24.32 -18.39
N ILE A 104 -14.04 -25.64 -18.19
CA ILE A 104 -13.31 -26.57 -19.05
C ILE A 104 -14.41 -27.47 -19.62
N GLU A 105 -14.36 -27.75 -20.93
CA GLU A 105 -15.45 -28.52 -21.53
C GLU A 105 -15.00 -29.90 -22.03
N LYS A 106 -15.77 -30.91 -21.61
CA LYS A 106 -15.58 -32.32 -21.93
C LYS A 106 -15.89 -32.58 -23.41
N PRO A 107 -15.07 -33.36 -24.16
CA PRO A 107 -13.82 -34.02 -23.76
C PRO A 107 -12.62 -33.07 -23.77
N PHE A 108 -11.65 -33.31 -22.90
CA PHE A 108 -10.50 -32.41 -22.78
C PHE A 108 -9.16 -33.10 -22.71
N LYS A 109 -8.13 -32.36 -23.12
CA LYS A 109 -6.74 -32.75 -23.09
C LYS A 109 -6.23 -32.58 -21.66
N ALA A 110 -5.29 -33.45 -21.23
CA ALA A 110 -4.71 -33.43 -19.89
C ALA A 110 -3.97 -32.12 -19.62
N ASP A 111 -3.28 -31.59 -20.65
CA ASP A 111 -2.52 -30.35 -20.53
C ASP A 111 -3.41 -29.11 -20.47
N ARG A 112 -4.65 -29.19 -21.03
CA ARG A 112 -5.64 -28.10 -20.98
C ARG A 112 -6.05 -27.93 -19.52
N LEU A 113 -6.39 -29.04 -18.82
CA LEU A 113 -6.76 -29.09 -17.41
C LEU A 113 -5.61 -28.63 -16.51
N ILE A 114 -4.35 -28.93 -16.90
CA ILE A 114 -3.17 -28.52 -16.14
C ILE A 114 -3.07 -27.00 -16.18
N LEU A 115 -3.19 -26.42 -17.40
CA LEU A 115 -3.14 -24.99 -17.66
C LEU A 115 -4.36 -24.23 -17.03
N VAL A 116 -5.58 -24.78 -17.11
CA VAL A 116 -6.77 -24.14 -16.54
C VAL A 116 -6.61 -23.94 -15.04
N ALA A 117 -6.10 -24.98 -14.32
CA ALA A 117 -5.88 -24.95 -12.88
C ALA A 117 -4.78 -23.95 -12.50
N GLU A 118 -3.64 -23.95 -13.23
CA GLU A 118 -2.50 -23.07 -13.02
C GLU A 118 -2.95 -21.61 -13.03
N ARG A 119 -3.70 -21.23 -14.10
CA ARG A 119 -4.25 -19.90 -14.35
C ARG A 119 -5.21 -19.46 -13.26
N ALA A 120 -6.14 -20.35 -12.87
CA ALA A 120 -7.15 -20.11 -11.84
C ALA A 120 -6.49 -19.80 -10.52
N LEU A 121 -5.44 -20.58 -10.20
CA LEU A 121 -4.66 -20.45 -8.98
C LEU A 121 -3.77 -19.21 -9.01
N GLU A 122 -3.15 -18.92 -10.18
CA GLU A 122 -2.29 -17.76 -10.39
C GLU A 122 -3.06 -16.45 -10.14
N THR A 123 -4.29 -16.31 -10.72
CA THR A 123 -5.18 -15.15 -10.55
C THR A 123 -5.54 -14.99 -9.06
N SER A 124 -5.96 -16.12 -8.41
CA SER A 124 -6.37 -16.18 -7.01
C SER A 124 -5.28 -15.60 -6.13
N LYS A 125 -4.02 -16.06 -6.36
CA LYS A 125 -2.80 -15.64 -5.67
C LYS A 125 -2.57 -14.17 -5.90
N LEU A 126 -2.68 -13.69 -7.15
CA LEU A 126 -2.47 -12.28 -7.48
C LEU A 126 -3.46 -11.42 -6.74
N LYS A 127 -4.75 -11.78 -6.82
CA LYS A 127 -5.83 -11.11 -6.10
C LYS A 127 -5.49 -11.04 -4.60
N ARG A 128 -4.91 -12.13 -4.03
CA ARG A 128 -4.52 -12.23 -2.62
C ARG A 128 -3.37 -11.29 -2.30
N GLU A 129 -2.31 -11.29 -3.15
CA GLU A 129 -1.11 -10.44 -3.05
C GLU A 129 -1.48 -8.98 -2.97
N VAL A 130 -2.44 -8.53 -3.82
CA VAL A 130 -2.88 -7.15 -3.85
C VAL A 130 -3.51 -6.77 -2.50
N SER A 131 -4.47 -7.59 -1.98
CA SER A 131 -5.15 -7.38 -0.69
C SER A 131 -4.17 -7.28 0.46
N ASP A 132 -3.09 -8.08 0.40
CA ASP A 132 -2.03 -8.12 1.41
C ASP A 132 -1.29 -6.81 1.51
N LEU A 133 -0.95 -6.18 0.35
CA LEU A 133 -0.29 -4.86 0.31
C LEU A 133 -1.29 -3.73 0.69
N ARG A 134 -2.46 -3.70 0.05
CA ARG A 134 -3.50 -2.72 0.36
C ARG A 134 -4.31 -3.20 1.58
N LEU A 141 -6.99 3.70 0.15
CA LEU A 141 -8.07 3.52 -0.83
C LEU A 141 -9.21 4.49 -0.58
N GLU A 142 -9.51 4.75 0.71
CA GLU A 142 -10.57 5.66 1.12
C GLU A 142 -10.00 6.94 1.72
N LEU A 143 -10.78 8.01 1.57
CA LEU A 143 -10.50 9.33 2.08
C LEU A 143 -11.22 9.47 3.41
N VAL A 144 -10.44 9.54 4.49
CA VAL A 144 -10.90 9.70 5.87
C VAL A 144 -11.20 11.19 6.15
N GLY A 145 -12.27 11.41 6.90
CA GLY A 145 -12.75 12.72 7.26
C GLY A 145 -14.25 12.65 7.48
N THR A 146 -14.73 13.39 8.45
CA THR A 146 -16.14 13.44 8.84
C THR A 146 -16.71 14.87 8.56
N SER A 147 -15.77 15.81 8.32
CA SER A 147 -15.98 17.22 8.05
C SER A 147 -16.69 17.46 6.73
N LEU A 148 -17.47 18.58 6.66
CA LEU A 148 -18.23 18.98 5.49
C LEU A 148 -17.31 19.10 4.30
N ALA A 149 -16.10 19.64 4.52
CA ALA A 149 -15.06 19.80 3.50
C ALA A 149 -14.83 18.49 2.79
N MET A 150 -14.64 17.40 3.59
CA MET A 150 -14.38 16.05 3.10
C MET A 150 -15.56 15.44 2.37
N ASN A 151 -16.78 15.59 2.94
CA ASN A 151 -18.02 15.13 2.34
C ASN A 151 -18.21 15.82 0.97
N GLN A 152 -17.99 17.15 0.91
CA GLN A 152 -18.04 17.93 -0.35
C GLN A 152 -17.06 17.34 -1.35
N LEU A 153 -15.82 17.03 -0.91
CA LEU A 153 -14.79 16.46 -1.79
C LEU A 153 -15.23 15.10 -2.35
N ARG A 154 -15.73 14.20 -1.46
CA ARG A 154 -16.22 12.89 -1.82
C ARG A 154 -17.40 12.98 -2.78
N GLN A 155 -18.29 13.99 -2.62
CA GLN A 155 -19.43 14.23 -3.54
C GLN A 155 -18.94 14.65 -4.91
N THR A 156 -17.84 15.46 -4.97
CA THR A 156 -17.24 15.97 -6.20
C THR A 156 -16.66 14.83 -7.01
N ILE A 157 -15.86 13.96 -6.34
CA ILE A 157 -15.25 12.75 -6.90
C ILE A 157 -16.36 11.91 -7.53
N GLU A 158 -17.45 11.71 -6.78
CA GLU A 158 -18.65 10.95 -7.16
C GLU A 158 -19.30 11.52 -8.44
N ARG A 159 -19.37 12.85 -8.55
CA ARG A 159 -19.97 13.53 -9.70
C ARG A 159 -19.09 13.54 -10.97
N VAL A 160 -17.80 13.80 -10.81
CA VAL A 160 -16.90 13.98 -11.94
C VAL A 160 -16.26 12.66 -12.40
N ALA A 161 -16.22 11.62 -11.54
CA ALA A 161 -15.62 10.34 -11.93
C ALA A 161 -16.31 9.65 -13.13
N PRO A 162 -17.66 9.69 -13.30
CA PRO A 162 -18.26 9.06 -14.49
C PRO A 162 -17.99 9.80 -15.80
N THR A 163 -17.83 11.13 -15.73
CA THR A 163 -17.61 11.97 -16.92
C THR A 163 -16.26 11.70 -17.61
N ASN A 164 -16.16 12.12 -18.87
CA ASN A 164 -15.02 11.99 -19.77
C ASN A 164 -14.07 13.19 -19.62
N SER A 165 -14.51 14.22 -18.83
CA SER A 165 -13.81 15.50 -18.58
C SER A 165 -12.45 15.39 -17.91
N ARG A 166 -11.55 16.30 -18.28
CA ARG A 166 -10.21 16.47 -17.70
C ARG A 166 -10.37 17.15 -16.33
N ILE A 167 -9.66 16.59 -15.34
CA ILE A 167 -9.68 17.14 -13.98
C ILE A 167 -8.39 17.91 -13.70
N MET A 168 -8.55 19.00 -12.95
CA MET A 168 -7.47 19.82 -12.44
C MET A 168 -7.65 19.87 -10.91
N ILE A 169 -6.80 19.10 -10.22
CA ILE A 169 -6.83 19.01 -8.78
C ILE A 169 -5.78 19.97 -8.20
N THR A 170 -6.23 20.95 -7.41
CA THR A 170 -5.30 21.89 -6.76
C THR A 170 -5.37 21.67 -5.26
N GLY A 171 -4.22 21.77 -4.60
CA GLY A 171 -4.12 21.59 -3.17
C GLY A 171 -2.69 21.63 -2.69
N PRO A 172 -2.46 22.04 -1.42
CA PRO A 172 -1.08 22.06 -0.89
C PRO A 172 -0.40 20.69 -0.86
N SER A 173 0.89 20.67 -0.53
CA SER A 173 1.71 19.44 -0.44
C SER A 173 1.19 18.43 0.60
N GLY A 174 1.05 17.18 0.17
CA GLY A 174 0.59 16.04 0.96
C GLY A 174 -0.84 16.12 1.46
N ALA A 175 -1.74 16.84 0.74
CA ALA A 175 -3.15 17.02 1.11
C ALA A 175 -4.08 15.90 0.62
N GLY A 176 -3.63 15.11 -0.35
CA GLY A 176 -4.39 14.01 -0.89
C GLY A 176 -4.88 14.14 -2.32
N LYS A 177 -4.19 14.96 -3.13
CA LYS A 177 -4.51 15.19 -4.57
C LYS A 177 -4.36 13.91 -5.39
N GLU A 178 -3.31 13.13 -5.13
CA GLU A 178 -3.06 11.86 -5.82
C GLU A 178 -4.15 10.87 -5.46
N LEU A 179 -4.53 10.82 -4.16
CA LEU A 179 -5.61 9.97 -3.68
C LEU A 179 -6.92 10.28 -4.39
N VAL A 180 -7.27 11.58 -4.52
CA VAL A 180 -8.47 12.05 -5.24
C VAL A 180 -8.41 11.60 -6.72
N ALA A 181 -7.19 11.59 -7.34
CA ALA A 181 -6.98 11.10 -8.72
C ALA A 181 -7.28 9.60 -8.80
N ARG A 182 -6.72 8.79 -7.86
CA ARG A 182 -6.94 7.34 -7.76
C ARG A 182 -8.39 7.04 -7.49
N ALA A 183 -9.02 7.80 -6.57
CA ALA A 183 -10.43 7.70 -6.20
C ALA A 183 -11.32 7.97 -7.40
N ILE A 184 -10.94 8.96 -8.26
CA ILE A 184 -11.71 9.32 -9.45
C ILE A 184 -11.58 8.17 -10.45
N HIS A 185 -10.35 7.72 -10.72
CA HIS A 185 -10.05 6.59 -11.59
C HIS A 185 -10.87 5.35 -11.19
N ALA A 186 -10.82 4.96 -9.91
CA ALA A 186 -11.57 3.83 -9.36
C ALA A 186 -13.10 3.91 -9.55
N GLN A 187 -13.67 5.13 -9.59
CA GLN A 187 -15.10 5.35 -9.79
C GLN A 187 -15.43 5.68 -11.27
N SER A 188 -14.39 5.78 -12.13
CA SER A 188 -14.52 6.11 -13.55
C SER A 188 -14.79 4.91 -14.44
N SER A 189 -15.22 5.20 -15.68
CA SER A 189 -15.49 4.24 -16.76
C SER A 189 -14.19 3.53 -17.23
N ARG A 190 -13.01 4.04 -16.83
CA ARG A 190 -11.68 3.54 -17.13
C ARG A 190 -11.05 2.92 -15.84
N ALA A 191 -11.92 2.51 -14.86
CA ALA A 191 -11.46 1.93 -13.58
C ALA A 191 -10.57 0.73 -13.81
N ASN A 192 -10.84 -0.02 -14.90
CA ASN A 192 -10.16 -1.23 -15.36
C ASN A 192 -8.94 -0.94 -16.24
N GLY A 193 -8.83 0.29 -16.70
CA GLY A 193 -7.72 0.74 -17.52
C GLY A 193 -6.54 1.16 -16.66
N PRO A 194 -5.35 1.39 -17.28
CA PRO A 194 -4.19 1.82 -16.46
C PRO A 194 -4.30 3.24 -15.86
N PHE A 195 -3.59 3.43 -14.72
CA PHE A 195 -3.47 4.69 -13.99
C PHE A 195 -1.98 4.92 -13.91
N VAL A 196 -1.46 5.72 -14.87
CA VAL A 196 -0.04 6.03 -15.03
C VAL A 196 0.23 7.42 -14.48
N THR A 197 1.18 7.52 -13.52
CA THR A 197 1.55 8.78 -12.87
C THR A 197 2.90 9.30 -13.36
N VAL A 198 2.99 10.62 -13.61
CA VAL A 198 4.20 11.32 -14.03
C VAL A 198 4.45 12.37 -12.96
N ASN A 199 5.54 12.22 -12.18
CA ASN A 199 5.92 13.14 -11.10
C ASN A 199 6.92 14.16 -11.67
N ALA A 200 6.38 15.24 -12.28
CA ALA A 200 7.15 16.28 -12.93
C ALA A 200 8.21 16.95 -12.05
N ALA A 201 7.94 17.07 -10.73
CA ALA A 201 8.89 17.65 -9.78
C ALA A 201 10.16 16.76 -9.59
N THR A 202 10.04 15.45 -9.89
CA THR A 202 11.08 14.42 -9.79
C THR A 202 11.83 14.26 -11.13
N ILE A 203 11.25 14.76 -12.23
CA ILE A 203 11.87 14.69 -13.56
C ILE A 203 12.53 16.01 -13.94
N THR A 204 13.78 15.94 -14.43
CA THR A 204 14.58 17.06 -14.92
C THR A 204 13.91 17.56 -16.20
N PRO A 205 13.85 18.88 -16.46
CA PRO A 205 13.17 19.37 -17.69
C PRO A 205 13.62 18.71 -18.98
N GLU A 206 14.94 18.46 -19.10
CA GLU A 206 15.58 17.85 -20.26
C GLU A 206 15.05 16.46 -20.58
N ARG A 207 14.72 15.67 -19.56
CA ARG A 207 14.24 14.30 -19.72
C ARG A 207 12.70 14.15 -19.79
N MET A 208 11.94 15.24 -19.46
CA MET A 208 10.47 15.33 -19.43
C MET A 208 9.73 14.78 -20.67
N GLU A 209 10.18 15.18 -21.88
CA GLU A 209 9.57 14.71 -23.13
C GLU A 209 9.82 13.20 -23.29
N ILE A 210 11.03 12.71 -22.94
CA ILE A 210 11.36 11.28 -23.03
C ILE A 210 10.41 10.48 -22.11
N GLU A 211 10.28 10.90 -20.84
CA GLU A 211 9.40 10.28 -19.87
C GLU A 211 7.93 10.18 -20.30
N LEU A 212 7.42 11.21 -21.00
CA LEU A 212 6.02 11.28 -21.42
C LEU A 212 5.71 10.67 -22.77
N PHE A 213 6.55 10.97 -23.78
CA PHE A 213 6.33 10.54 -25.16
C PHE A 213 7.18 9.32 -25.59
N GLY A 214 8.35 9.16 -24.97
CA GLY A 214 9.23 8.05 -25.30
C GLY A 214 10.15 8.39 -26.45
N THR A 215 10.96 7.40 -26.89
CA THR A 215 11.95 7.58 -27.95
C THR A 215 11.76 6.63 -29.14
N GLU A 216 12.42 6.98 -30.29
CA GLU A 216 12.46 6.20 -31.53
C GLU A 216 13.36 4.97 -31.29
N MET A 217 12.95 3.78 -31.81
CA MET A 217 13.67 2.49 -31.64
C MET A 217 15.13 2.51 -32.12
N LYS A 223 11.46 2.31 -23.23
CA LYS A 223 11.42 3.53 -24.06
C LYS A 223 9.97 3.98 -24.39
N VAL A 224 8.97 3.27 -23.84
CA VAL A 224 7.55 3.59 -23.99
C VAL A 224 7.20 4.75 -23.04
N GLY A 225 6.75 5.86 -23.62
CA GLY A 225 6.35 7.06 -22.86
C GLY A 225 5.10 6.81 -22.04
N ALA A 226 4.90 7.60 -20.97
CA ALA A 226 3.75 7.45 -20.07
C ALA A 226 2.39 7.45 -20.78
N LEU A 227 2.26 8.25 -21.85
CA LEU A 227 1.02 8.37 -22.61
C LEU A 227 0.66 7.09 -23.30
N GLU A 228 1.66 6.42 -23.87
CA GLU A 228 1.51 5.13 -24.54
C GLU A 228 1.05 4.09 -23.49
N GLU A 229 1.63 4.14 -22.26
CA GLU A 229 1.26 3.25 -21.15
C GLU A 229 -0.17 3.51 -20.71
N ALA A 230 -0.57 4.80 -20.55
CA ALA A 230 -1.90 5.25 -20.08
C ALA A 230 -3.05 5.12 -21.09
N HIS A 231 -2.77 4.52 -22.27
CA HIS A 231 -3.78 4.32 -23.33
C HIS A 231 -4.96 3.47 -22.81
N GLY A 232 -6.15 3.97 -22.98
CA GLY A 232 -7.39 3.35 -22.53
C GLY A 232 -7.67 3.60 -21.05
N GLY A 233 -6.74 4.31 -20.41
CA GLY A 233 -6.83 4.64 -18.99
C GLY A 233 -6.64 6.12 -18.70
N ILE A 234 -6.07 6.41 -17.52
CA ILE A 234 -5.88 7.77 -17.02
C ILE A 234 -4.39 8.09 -16.79
N LEU A 235 -3.96 9.29 -17.25
CA LEU A 235 -2.63 9.83 -17.05
C LEU A 235 -2.71 10.89 -15.96
N TYR A 236 -1.92 10.70 -14.89
CA TYR A 236 -1.89 11.62 -13.77
C TYR A 236 -0.62 12.40 -13.85
N LEU A 237 -0.76 13.70 -14.21
CA LEU A 237 0.34 14.65 -14.33
C LEU A 237 0.51 15.38 -12.99
N ASP A 238 1.35 14.80 -12.11
CA ASP A 238 1.67 15.29 -10.76
C ASP A 238 2.63 16.45 -10.90
N GLU A 239 2.14 17.65 -10.60
CA GLU A 239 2.84 18.93 -10.68
C GLU A 239 3.05 19.35 -12.12
N VAL A 240 1.94 19.60 -12.86
CA VAL A 240 1.95 20.11 -14.24
C VAL A 240 2.76 21.38 -14.38
N ALA A 241 2.81 22.20 -13.32
CA ALA A 241 3.52 23.46 -13.31
C ALA A 241 5.03 23.31 -13.61
N ASP A 242 5.52 22.06 -13.61
CA ASP A 242 6.92 21.77 -13.90
C ASP A 242 7.14 21.30 -15.35
N MET A 243 6.08 21.36 -16.17
CA MET A 243 6.17 21.02 -17.58
C MET A 243 6.92 22.17 -18.32
N PRO A 244 8.04 21.87 -19.01
CA PRO A 244 8.72 22.93 -19.78
C PRO A 244 7.86 23.36 -20.97
N ARG A 245 8.13 24.53 -21.55
CA ARG A 245 7.36 25.11 -22.68
C ARG A 245 7.12 24.17 -23.87
N GLU A 246 8.16 23.42 -24.29
CA GLU A 246 8.07 22.47 -25.42
C GLU A 246 7.08 21.36 -25.11
N THR A 247 7.18 20.77 -23.91
CA THR A 247 6.28 19.71 -23.40
C THR A 247 4.85 20.22 -23.40
N GLN A 248 4.64 21.50 -22.93
CA GLN A 248 3.34 22.16 -22.84
C GLN A 248 2.63 22.08 -24.16
N ASN A 249 3.32 22.51 -25.25
CA ASN A 249 2.77 22.47 -26.61
C ASN A 249 2.37 21.05 -27.03
N LYS A 250 3.21 20.05 -26.67
CA LYS A 250 2.99 18.63 -27.00
C LYS A 250 1.77 18.12 -26.28
N ILE A 251 1.66 18.33 -24.94
CA ILE A 251 0.48 17.99 -24.13
C ILE A 251 -0.75 18.59 -24.79
N LEU A 252 -0.61 19.82 -25.30
CA LEU A 252 -1.70 20.55 -25.94
C LEU A 252 -2.22 19.82 -27.18
N ARG A 253 -1.28 19.30 -28.02
CA ARG A 253 -1.57 18.47 -29.20
C ARG A 253 -2.23 17.14 -28.75
N VAL A 254 -1.84 16.59 -27.59
CA VAL A 254 -2.46 15.37 -27.04
C VAL A 254 -3.95 15.64 -26.74
N LEU A 255 -4.28 16.73 -26.00
CA LEU A 255 -5.65 17.10 -25.64
C LEU A 255 -6.60 17.33 -26.81
N VAL A 256 -6.07 17.87 -27.92
CA VAL A 256 -6.87 18.27 -29.08
C VAL A 256 -6.79 17.26 -30.26
N ASP A 257 -5.59 16.82 -30.63
CA ASP A 257 -5.45 15.89 -31.74
C ASP A 257 -5.48 14.42 -31.35
N GLN A 258 -5.24 14.10 -30.05
CA GLN A 258 -5.19 12.73 -29.51
C GLN A 258 -4.03 11.97 -30.13
N GLN A 259 -2.95 12.71 -30.42
CA GLN A 259 -1.73 12.22 -31.07
C GLN A 259 -0.55 12.95 -30.50
N PHE A 260 0.65 12.40 -30.71
CA PHE A 260 1.93 12.95 -30.30
C PHE A 260 3.03 12.25 -31.07
N GLU A 261 4.16 12.92 -31.24
CA GLU A 261 5.33 12.34 -31.88
C GLU A 261 6.32 12.02 -30.77
N ARG A 262 7.01 10.86 -30.86
CA ARG A 262 8.03 10.48 -29.88
C ARG A 262 9.26 11.36 -30.03
N VAL A 263 10.14 11.38 -29.01
CA VAL A 263 11.39 12.16 -29.05
C VAL A 263 12.28 11.58 -30.16
N GLY A 264 12.64 12.46 -31.10
CA GLY A 264 13.43 12.12 -32.29
C GLY A 264 12.61 11.25 -33.22
N GLY A 265 11.31 11.51 -33.23
CA GLY A 265 10.35 10.78 -34.02
C GLY A 265 9.67 11.63 -35.06
N THR A 266 9.53 11.06 -36.25
CA THR A 266 8.87 11.68 -37.38
C THR A 266 7.42 11.16 -37.35
N LYS A 267 7.23 10.01 -36.65
CA LYS A 267 6.01 9.21 -36.53
C LYS A 267 5.04 9.62 -35.41
N ARG A 268 3.76 9.69 -35.78
CA ARG A 268 2.61 10.01 -34.93
C ARG A 268 2.15 8.78 -34.16
N VAL A 269 1.79 8.97 -32.88
CA VAL A 269 1.27 7.94 -31.98
C VAL A 269 -0.11 8.42 -31.53
N LYS A 270 -1.16 7.66 -31.82
CA LYS A 270 -2.54 8.00 -31.41
C LYS A 270 -2.77 7.43 -30.00
N VAL A 271 -3.48 8.17 -29.12
CA VAL A 271 -3.77 7.69 -27.76
C VAL A 271 -5.16 8.05 -27.32
N ASP A 272 -5.77 7.18 -26.50
CA ASP A 272 -7.07 7.41 -25.89
C ASP A 272 -6.83 7.54 -24.37
N VAL A 273 -6.53 8.77 -23.89
CA VAL A 273 -6.26 8.97 -22.46
C VAL A 273 -7.18 10.07 -21.85
N ARG A 274 -7.44 9.95 -20.54
CA ARG A 274 -8.16 10.95 -19.79
C ARG A 274 -7.14 11.51 -18.80
N ILE A 275 -6.70 12.76 -18.99
CA ILE A 275 -5.70 13.39 -18.14
C ILE A 275 -6.31 13.97 -16.85
N ILE A 276 -5.71 13.64 -15.71
CA ILE A 276 -6.03 14.24 -14.42
C ILE A 276 -4.74 14.93 -14.02
N SER A 277 -4.81 16.25 -13.85
CA SER A 277 -3.64 17.07 -13.54
C SER A 277 -3.72 17.55 -12.13
N SER A 278 -2.55 17.87 -11.57
CA SER A 278 -2.50 18.43 -10.24
C SER A 278 -1.39 19.45 -10.11
N THR A 279 -1.53 20.37 -9.12
CA THR A 279 -0.51 21.38 -8.80
C THR A 279 -0.62 21.81 -7.34
N ALA A 280 0.53 22.09 -6.70
CA ALA A 280 0.58 22.64 -5.33
C ALA A 280 1.02 24.12 -5.41
N GLN A 281 1.33 24.56 -6.65
CA GLN A 281 1.79 25.90 -6.98
C GLN A 281 0.67 26.75 -7.59
N ASN A 282 0.95 28.05 -7.85
CA ASN A 282 0.04 29.01 -8.47
C ASN A 282 0.28 29.06 -9.98
N LEU A 283 -0.52 28.29 -10.74
CA LEU A 283 -0.40 28.26 -12.20
C LEU A 283 -0.78 29.60 -12.86
N GLU A 284 -1.81 30.29 -12.30
CA GLU A 284 -2.28 31.60 -12.74
C GLU A 284 -1.15 32.62 -12.65
N GLY A 285 -0.30 32.48 -11.62
CA GLY A 285 0.86 33.35 -11.41
C GLY A 285 1.88 33.15 -12.49
N MET A 286 2.09 31.88 -12.90
CA MET A 286 3.01 31.46 -13.95
C MET A 286 2.57 31.96 -15.31
N ILE A 287 1.24 31.95 -15.56
CA ILE A 287 0.67 32.42 -16.82
C ILE A 287 0.90 33.93 -16.88
N ALA A 288 0.68 34.62 -15.74
CA ALA A 288 0.90 36.06 -15.62
C ALA A 288 2.36 36.42 -15.83
N GLU A 289 3.28 35.48 -15.49
CA GLU A 289 4.74 35.66 -15.58
C GLU A 289 5.38 35.11 -16.87
N GLY A 290 4.59 34.51 -17.76
CA GLY A 290 5.04 34.00 -19.05
C GLY A 290 5.69 32.64 -19.06
N THR A 291 5.57 31.87 -17.97
CA THR A 291 6.20 30.55 -17.90
C THR A 291 5.22 29.40 -18.23
N PHE A 292 3.90 29.63 -18.14
CA PHE A 292 2.91 28.59 -18.44
C PHE A 292 1.86 29.08 -19.43
N ARG A 293 1.50 28.22 -20.38
CA ARG A 293 0.52 28.52 -21.42
C ARG A 293 -0.90 28.65 -20.89
N GLU A 294 -1.52 29.77 -21.25
CA GLU A 294 -2.88 30.18 -20.89
C GLU A 294 -3.92 29.17 -21.40
N ASP A 295 -3.93 28.89 -22.73
CA ASP A 295 -4.86 27.94 -23.38
C ASP A 295 -4.69 26.52 -22.88
N LEU A 296 -3.44 26.09 -22.60
CA LEU A 296 -3.17 24.76 -22.02
C LEU A 296 -3.78 24.69 -20.63
N PHE A 297 -3.56 25.72 -19.79
CA PHE A 297 -4.13 25.75 -18.45
C PHE A 297 -5.67 25.65 -18.45
N HIS A 298 -6.34 26.41 -19.33
CA HIS A 298 -7.81 26.37 -19.36
C HIS A 298 -8.35 25.04 -19.85
N ARG A 299 -7.65 24.40 -20.76
CA ARG A 299 -8.01 23.10 -21.30
C ARG A 299 -7.83 22.04 -20.23
N LEU A 300 -6.75 22.15 -19.43
CA LEU A 300 -6.45 21.20 -18.36
C LEU A 300 -7.41 21.35 -17.18
N SER A 301 -7.97 22.56 -17.00
CA SER A 301 -8.81 23.02 -15.91
C SER A 301 -10.35 23.00 -16.19
N VAL A 302 -10.80 22.11 -17.10
CA VAL A 302 -12.22 21.97 -17.46
C VAL A 302 -13.07 21.79 -16.19
N VAL A 303 -12.67 20.80 -15.36
CA VAL A 303 -13.29 20.49 -14.08
C VAL A 303 -12.25 20.67 -12.95
N PRO A 304 -12.26 21.81 -12.24
CA PRO A 304 -11.32 21.95 -11.11
C PRO A 304 -11.85 21.24 -9.85
N VAL A 305 -10.95 20.64 -9.03
CA VAL A 305 -11.24 19.99 -7.74
C VAL A 305 -10.21 20.50 -6.73
N GLN A 306 -10.66 21.27 -5.72
CA GLN A 306 -9.77 21.87 -4.72
C GLN A 306 -9.74 21.02 -3.48
N VAL A 307 -8.58 20.42 -3.23
CA VAL A 307 -8.34 19.59 -2.06
C VAL A 307 -7.98 20.55 -0.92
N PRO A 308 -8.75 20.53 0.17
CA PRO A 308 -8.49 21.48 1.26
C PRO A 308 -7.26 21.16 2.09
N ALA A 309 -6.55 22.20 2.55
CA ALA A 309 -5.39 22.08 3.44
C ALA A 309 -5.85 21.50 4.78
N LEU A 310 -4.99 20.68 5.42
CA LEU A 310 -5.29 20.05 6.71
C LEU A 310 -5.68 21.08 7.80
N ALA A 311 -5.01 22.26 7.84
CA ALA A 311 -5.36 23.34 8.78
C ALA A 311 -6.77 23.89 8.52
N ALA A 312 -7.29 23.70 7.29
CA ALA A 312 -8.62 24.13 6.93
C ALA A 312 -9.65 23.04 7.21
N ARG A 313 -9.25 21.93 7.86
CA ARG A 313 -10.11 20.78 8.22
C ARG A 313 -9.60 20.04 9.47
N ARG A 314 -9.21 20.82 10.48
CA ARG A 314 -8.67 20.33 11.76
C ARG A 314 -9.66 19.42 12.53
N GLU A 315 -10.93 19.36 12.08
CA GLU A 315 -11.98 18.49 12.63
C GLU A 315 -11.60 17.02 12.40
N ASP A 316 -10.88 16.76 11.30
CA ASP A 316 -10.50 15.45 10.82
C ASP A 316 -9.24 14.88 11.40
N ILE A 317 -8.43 15.69 12.10
CA ILE A 317 -7.15 15.27 12.69
C ILE A 317 -7.33 14.09 13.64
N PRO A 318 -8.15 14.16 14.72
CA PRO A 318 -8.29 12.98 15.62
C PRO A 318 -8.59 11.67 14.88
N SER A 319 -9.52 11.72 13.89
CA SER A 319 -9.95 10.59 13.03
C SER A 319 -8.79 10.06 12.22
N LEU A 320 -7.98 10.98 11.66
CA LEU A 320 -6.83 10.69 10.80
C LEU A 320 -5.74 10.06 11.59
N VAL A 321 -5.52 10.53 12.84
CA VAL A 321 -4.51 9.99 13.76
C VAL A 321 -4.86 8.51 14.09
N GLU A 322 -6.15 8.23 14.40
CA GLU A 322 -6.65 6.88 14.66
C GLU A 322 -6.40 6.03 13.41
N PHE A 323 -6.81 6.56 12.24
CA PHE A 323 -6.67 5.88 10.97
C PHE A 323 -5.22 5.53 10.69
N PHE A 324 -4.32 6.49 10.85
CA PHE A 324 -2.90 6.30 10.58
C PHE A 324 -2.29 5.27 11.51
N MET A 325 -2.69 5.31 12.78
CA MET A 325 -2.27 4.35 13.81
C MET A 325 -2.68 2.91 13.42
N LYS A 326 -3.95 2.71 13.00
CA LYS A 326 -4.48 1.43 12.52
C LYS A 326 -3.65 0.92 11.34
N GLN A 327 -3.30 1.83 10.41
CA GLN A 327 -2.52 1.56 9.21
C GLN A 327 -1.07 1.19 9.57
N ILE A 328 -0.47 1.81 10.62
CA ILE A 328 0.89 1.46 11.06
C ILE A 328 0.85 0.07 11.68
N ALA A 329 -0.21 -0.23 12.47
CA ALA A 329 -0.43 -1.52 13.12
C ALA A 329 -0.45 -2.65 12.09
N GLU A 330 -1.21 -2.48 10.98
CA GLU A 330 -1.27 -3.46 9.89
C GLU A 330 0.08 -3.60 9.15
N GLN A 331 0.89 -2.53 9.14
CA GLN A 331 2.20 -2.51 8.49
C GLN A 331 3.32 -3.15 9.32
N ALA A 332 3.52 -2.64 10.57
CA ALA A 332 4.60 -2.99 11.47
C ALA A 332 4.28 -4.00 12.55
N GLY A 333 3.01 -4.17 12.84
CA GLY A 333 2.60 -5.11 13.87
C GLY A 333 2.68 -4.53 15.26
N ILE A 334 2.81 -3.19 15.37
CA ILE A 334 2.85 -2.46 16.64
C ILE A 334 1.39 -2.28 17.11
N LYS A 335 1.09 -2.61 18.37
CA LYS A 335 -0.24 -2.43 18.98
C LYS A 335 -0.55 -0.92 19.05
N PRO A 336 -1.73 -0.51 18.55
CA PRO A 336 -2.06 0.94 18.52
C PRO A 336 -2.21 1.54 19.91
N ARG A 337 -1.34 2.50 20.20
CA ARG A 337 -1.28 3.20 21.47
C ARG A 337 -2.42 4.22 21.63
N LYS A 338 -2.60 4.76 22.84
CA LYS A 338 -3.57 5.80 23.11
C LYS A 338 -2.79 7.11 23.17
N ILE A 339 -3.17 8.09 22.33
CA ILE A 339 -2.53 9.40 22.30
C ILE A 339 -3.01 10.24 23.52
N GLY A 340 -2.05 10.83 24.24
CA GLY A 340 -2.35 11.71 25.37
C GLY A 340 -3.11 12.96 24.96
N PRO A 341 -3.89 13.59 25.89
CA PRO A 341 -4.66 14.80 25.52
C PRO A 341 -3.79 15.96 25.05
N ASP A 342 -2.54 16.00 25.54
CA ASP A 342 -1.50 16.99 25.25
C ASP A 342 -1.03 16.92 23.81
N ALA A 343 -0.65 15.72 23.38
CA ALA A 343 -0.15 15.42 22.04
C ALA A 343 -1.24 15.67 21.02
N MET A 344 -2.47 15.20 21.29
CA MET A 344 -3.61 15.37 20.40
C MET A 344 -3.94 16.85 20.21
N ALA A 345 -3.91 17.64 21.31
CA ALA A 345 -4.16 19.09 21.29
C ALA A 345 -3.12 19.80 20.42
N VAL A 346 -1.84 19.43 20.58
CA VAL A 346 -0.74 19.97 19.78
C VAL A 346 -0.92 19.61 18.29
N LEU A 347 -1.16 18.32 18.01
CA LEU A 347 -1.38 17.79 16.64
C LEU A 347 -2.55 18.48 15.95
N GLN A 348 -3.61 18.78 16.72
CA GLN A 348 -4.83 19.40 16.21
C GLN A 348 -4.67 20.88 15.91
N ALA A 349 -3.92 21.61 16.77
CA ALA A 349 -3.66 23.05 16.64
C ALA A 349 -2.69 23.45 15.53
N HIS A 350 -1.84 22.53 15.07
CA HIS A 350 -0.80 22.75 14.07
C HIS A 350 -1.31 23.08 12.65
N SER A 351 -0.55 23.93 11.91
CA SER A 351 -0.81 24.39 10.52
C SER A 351 -0.59 23.32 9.43
N TRP A 352 0.32 22.37 9.68
CA TRP A 352 0.63 21.24 8.80
C TRP A 352 1.04 21.66 7.42
N PRO A 353 2.23 22.31 7.29
CA PRO A 353 2.71 22.70 5.96
C PRO A 353 2.86 21.51 5.00
N GLY A 354 3.15 20.32 5.53
CA GLY A 354 3.29 19.12 4.75
C GLY A 354 2.06 18.25 4.80
N ASN A 355 0.95 18.81 5.32
CA ASN A 355 -0.42 18.28 5.49
C ASN A 355 -0.51 16.82 6.00
N LEU A 356 -1.37 15.97 5.36
CA LEU A 356 -1.58 14.56 5.70
C LEU A 356 -0.35 13.68 5.53
N ARG A 357 0.61 14.04 4.65
CA ARG A 357 1.86 13.26 4.53
C ARG A 357 2.64 13.43 5.85
N GLN A 358 2.83 14.71 6.24
CA GLN A 358 3.50 15.15 7.45
C GLN A 358 2.77 14.64 8.70
N LEU A 359 1.42 14.64 8.72
CA LEU A 359 0.67 14.11 9.87
C LEU A 359 0.96 12.62 10.05
N ARG A 360 0.87 11.86 8.92
CA ARG A 360 1.13 10.42 8.85
C ARG A 360 2.52 10.07 9.35
N ASN A 361 3.55 10.75 8.81
CA ASN A 361 4.95 10.55 9.18
C ASN A 361 5.11 10.76 10.68
N ASN A 362 4.39 11.75 11.23
CA ASN A 362 4.42 12.08 12.65
C ASN A 362 3.75 11.03 13.52
N VAL A 363 2.63 10.45 13.01
CA VAL A 363 1.93 9.38 13.74
C VAL A 363 2.80 8.14 13.77
N GLU A 364 3.41 7.79 12.61
CA GLU A 364 4.35 6.68 12.46
C GLU A 364 5.52 6.88 13.43
N ARG A 365 6.10 8.10 13.49
CA ARG A 365 7.20 8.40 14.42
C ARG A 365 6.82 8.06 15.89
N LEU A 366 5.67 8.55 16.39
CA LEU A 366 5.22 8.28 17.76
C LEU A 366 5.10 6.78 18.03
N MET A 367 4.56 6.01 17.04
CA MET A 367 4.41 4.54 17.07
C MET A 367 5.76 3.83 17.25
N ILE A 368 6.76 4.22 16.43
CA ILE A 368 8.13 3.72 16.48
C ILE A 368 8.71 4.09 17.85
N LEU A 369 8.72 5.38 18.19
CA LEU A 369 9.23 5.90 19.46
C LEU A 369 8.64 5.30 20.73
N THR A 370 7.38 4.86 20.71
CA THR A 370 6.75 4.29 21.91
C THR A 370 6.65 2.74 21.88
N ARG A 371 7.21 2.09 20.84
CA ARG A 371 7.22 0.62 20.74
C ARG A 371 8.01 0.07 21.92
N GLY A 372 7.43 -0.91 22.59
CA GLY A 372 8.08 -1.54 23.74
C GLY A 372 7.97 -0.80 25.06
N ASP A 373 7.09 0.22 25.14
CA ASP A 373 6.84 0.92 26.41
C ASP A 373 5.61 0.24 27.01
N ASP A 374 5.21 0.62 28.24
CA ASP A 374 4.01 0.06 28.88
C ASP A 374 2.76 0.32 27.99
N PRO A 375 1.88 -0.66 27.69
CA PRO A 375 0.73 -0.37 26.80
C PRO A 375 -0.29 0.64 27.31
N ASP A 376 -0.38 0.84 28.65
CA ASP A 376 -1.34 1.79 29.23
C ASP A 376 -0.86 3.23 29.05
N GLU A 377 0.50 3.39 29.05
CA GLU A 377 1.27 4.62 28.90
C GLU A 377 0.79 5.42 27.67
N LEU A 378 0.29 6.64 27.92
CA LEU A 378 -0.19 7.57 26.90
C LEU A 378 1.00 8.10 26.12
N VAL A 379 0.78 8.36 24.81
CA VAL A 379 1.78 8.95 23.93
C VAL A 379 1.73 10.43 24.26
N THR A 380 2.89 11.03 24.61
CA THR A 380 2.90 12.43 25.03
C THR A 380 3.55 13.36 24.03
N ALA A 381 3.06 14.63 24.04
CA ALA A 381 3.46 15.76 23.20
C ALA A 381 4.94 16.01 23.14
N ASP A 382 5.69 15.66 24.21
CA ASP A 382 7.13 15.89 24.26
C ASP A 382 7.93 15.01 23.31
N LEU A 383 7.29 13.94 22.82
CA LEU A 383 7.90 13.02 21.88
C LEU A 383 7.88 13.56 20.45
N LEU A 384 6.97 14.51 20.16
CA LEU A 384 6.81 15.16 18.86
C LEU A 384 8.02 16.03 18.50
N PRO A 385 8.37 16.22 17.20
CA PRO A 385 9.56 17.02 16.89
C PRO A 385 9.28 18.52 17.04
N ALA A 386 10.40 19.27 17.07
CA ALA A 386 10.47 20.71 17.26
C ALA A 386 9.59 21.50 16.30
N GLU A 387 9.48 21.09 15.01
CA GLU A 387 8.64 21.80 14.05
C GLU A 387 7.16 21.77 14.45
N ILE A 388 6.78 20.80 15.28
CA ILE A 388 5.42 20.68 15.77
C ILE A 388 5.29 21.48 17.09
N GLY A 389 6.04 21.05 18.11
CA GLY A 389 6.02 21.63 19.45
C GLY A 389 6.45 23.07 19.62
N ASP A 390 7.59 23.46 19.01
CA ASP A 390 8.17 24.80 19.11
C ASP A 390 7.37 25.90 18.40
N THR A 391 6.40 25.53 17.56
CA THR A 391 5.58 26.51 16.84
C THR A 391 4.28 26.75 17.59
N LEU A 392 4.10 26.05 18.71
CA LEU A 392 2.88 26.15 19.49
C LEU A 392 3.16 26.51 20.95
N PRO A 393 2.12 26.90 21.76
CA PRO A 393 2.38 27.29 23.15
C PRO A 393 2.92 26.17 24.04
N ARG A 394 3.99 26.51 24.76
CA ARG A 394 4.68 25.62 25.70
C ARG A 394 5.47 26.45 26.71
N ALA A 395 5.86 25.78 27.81
CA ALA A 395 6.66 26.32 28.89
C ALA A 395 7.96 26.90 28.36
N PRO A 396 8.35 28.14 28.75
CA PRO A 396 9.62 28.69 28.23
C PRO A 396 10.83 28.09 28.89
N THR A 397 12.00 28.30 28.26
CA THR A 397 13.32 27.87 28.75
C THR A 397 14.30 29.02 28.51
N GLU A 398 15.47 29.01 29.19
CA GLU A 398 16.52 30.03 29.04
C GLU A 398 16.92 30.24 27.57
N SER A 399 16.77 29.17 26.74
CA SER A 399 17.09 29.13 25.32
C SER A 399 16.13 29.93 24.45
N ASP A 400 14.84 30.05 24.87
CA ASP A 400 13.80 30.79 24.14
C ASP A 400 14.09 32.31 24.24
N GLN A 401 14.94 32.81 23.32
CA GLN A 401 15.48 34.18 23.27
C GLN A 401 14.42 35.29 23.20
N HIS A 402 13.34 35.03 22.48
CA HIS A 402 12.20 35.91 22.25
C HIS A 402 11.39 36.16 23.55
N ILE A 403 11.08 35.08 24.31
CA ILE A 403 10.32 35.13 25.57
C ILE A 403 11.19 35.73 26.68
N MET A 404 12.44 35.26 26.82
CA MET A 404 13.39 35.72 27.84
C MET A 404 13.67 37.21 27.76
N ALA A 405 13.65 37.79 26.53
CA ALA A 405 13.88 39.22 26.30
C ALA A 405 12.72 40.13 26.80
N LEU A 406 11.57 39.51 27.20
CA LEU A 406 10.39 40.22 27.69
C LEU A 406 10.19 40.13 29.22
N PRO A 407 9.71 41.21 29.90
CA PRO A 407 9.43 41.12 31.36
C PRO A 407 8.13 40.34 31.61
N LEU A 408 7.85 39.93 32.87
CA LEU A 408 6.69 39.11 33.22
C LEU A 408 5.34 39.49 32.53
N ARG A 409 4.73 40.67 32.82
CA ARG A 409 3.44 41.10 32.22
C ARG A 409 3.40 40.97 30.69
N GLU A 410 4.46 41.39 30.00
CA GLU A 410 4.59 41.30 28.55
C GLU A 410 4.68 39.88 28.08
N ALA A 411 5.42 39.03 28.80
CA ALA A 411 5.59 37.62 28.45
C ALA A 411 4.26 36.91 28.62
N ARG A 412 3.55 37.19 29.73
CA ARG A 412 2.23 36.68 30.09
C ARG A 412 1.13 37.06 29.07
N GLU A 413 1.11 38.32 28.60
CA GLU A 413 0.12 38.78 27.60
C GLU A 413 0.33 38.14 26.24
N ARG A 414 1.60 37.95 25.82
CA ARG A 414 1.94 37.31 24.54
C ARG A 414 1.47 35.88 24.61
N PHE A 415 1.74 35.20 25.75
CA PHE A 415 1.32 33.84 25.99
C PHE A 415 -0.19 33.74 25.83
N GLU A 416 -0.96 34.65 26.44
CA GLU A 416 -2.41 34.58 26.33
C GLU A 416 -2.84 34.56 24.88
N LYS A 417 -2.29 35.49 24.06
CA LYS A 417 -2.56 35.59 22.62
C LYS A 417 -2.18 34.28 21.91
N GLU A 418 -0.94 33.82 22.12
CA GLU A 418 -0.43 32.57 21.57
C GLU A 418 -1.32 31.38 21.93
N TYR A 419 -1.63 31.23 23.22
CA TYR A 419 -2.48 30.16 23.74
C TYR A 419 -3.88 30.19 23.13
N LEU A 420 -4.59 31.32 23.24
CA LEU A 420 -5.96 31.45 22.74
C LEU A 420 -6.06 31.18 21.24
N ILE A 421 -5.15 31.78 20.44
CA ILE A 421 -5.16 31.52 18.98
C ILE A 421 -4.98 30.02 18.69
N ALA A 422 -4.01 29.35 19.36
CA ALA A 422 -3.75 27.92 19.22
C ALA A 422 -4.99 27.08 19.52
N GLN A 423 -5.74 27.41 20.60
CA GLN A 423 -6.95 26.70 20.97
C GLN A 423 -8.01 26.97 19.92
N ILE A 424 -8.13 28.23 19.46
CA ILE A 424 -9.07 28.56 18.38
C ILE A 424 -8.78 27.67 17.15
N ASN A 425 -7.50 27.59 16.71
CA ASN A 425 -7.08 26.71 15.61
C ASN A 425 -7.54 25.27 15.88
N ARG A 426 -7.16 24.73 17.04
CA ARG A 426 -7.54 23.39 17.47
C ARG A 426 -9.06 23.16 17.28
N PHE A 427 -9.90 24.10 17.74
CA PHE A 427 -11.35 24.01 17.62
C PHE A 427 -11.90 24.69 16.37
N GLY A 428 -11.05 24.82 15.34
CA GLY A 428 -11.40 25.35 14.03
C GLY A 428 -12.28 26.56 14.01
N GLY A 429 -11.89 27.57 14.75
CA GLY A 429 -12.61 28.83 14.86
C GLY A 429 -13.88 28.76 15.68
N ASN A 430 -14.25 27.56 16.19
CA ASN A 430 -15.45 27.41 17.02
C ASN A 430 -15.19 27.99 18.41
N ILE A 431 -15.50 29.30 18.57
CA ILE A 431 -15.33 30.11 19.79
C ILE A 431 -16.17 29.54 20.97
N SER A 432 -17.31 28.89 20.67
CA SER A 432 -18.15 28.23 21.66
C SER A 432 -17.38 27.03 22.27
N ARG A 433 -16.77 26.19 21.41
CA ARG A 433 -16.00 25.04 21.88
C ARG A 433 -14.74 25.49 22.57
N THR A 434 -14.04 26.49 21.97
CA THR A 434 -12.81 27.08 22.48
C THR A 434 -13.00 27.59 23.91
N ALA A 435 -14.06 28.40 24.15
CA ALA A 435 -14.37 28.95 25.47
C ALA A 435 -14.57 27.86 26.52
N GLU A 436 -15.38 26.84 26.15
CA GLU A 436 -15.69 25.70 27.00
C GLU A 436 -14.43 25.04 27.54
N PHE A 437 -13.43 24.80 26.64
CA PHE A 437 -12.18 24.15 27.00
C PHE A 437 -11.26 25.01 27.87
N VAL A 438 -10.98 26.27 27.41
CA VAL A 438 -10.11 27.25 28.09
C VAL A 438 -10.69 27.71 29.44
N GLY A 439 -11.96 27.39 29.71
CA GLY A 439 -12.64 27.73 30.95
C GLY A 439 -13.48 28.99 30.95
N MET A 440 -13.73 29.55 29.79
CA MET A 440 -14.55 30.76 29.72
C MET A 440 -15.93 30.52 29.09
N GLU A 441 -16.78 31.57 29.15
CA GLU A 441 -18.11 31.61 28.56
C GLU A 441 -17.85 32.25 27.20
N ARG A 442 -18.63 31.92 26.16
CA ARG A 442 -18.30 32.39 24.82
C ARG A 442 -18.26 33.93 24.62
N SER A 443 -19.17 34.70 25.27
CA SER A 443 -19.12 36.17 25.09
C SER A 443 -17.90 36.77 25.82
N ALA A 444 -17.50 36.16 26.96
CA ALA A 444 -16.33 36.53 27.76
C ALA A 444 -15.08 36.33 26.93
N LEU A 445 -15.05 35.22 26.14
CA LEU A 445 -13.92 34.93 25.26
C LEU A 445 -13.89 35.92 24.09
N HIS A 446 -15.05 36.25 23.46
CA HIS A 446 -15.11 37.21 22.34
C HIS A 446 -14.62 38.57 22.77
N ARG A 447 -14.98 38.96 24.03
CA ARG A 447 -14.54 40.22 24.61
C ARG A 447 -13.04 40.16 24.89
N LYS A 448 -12.52 39.00 25.36
CA LYS A 448 -11.09 38.81 25.62
C LYS A 448 -10.28 38.89 24.34
N LEU A 449 -10.75 38.21 23.28
CA LEU A 449 -10.10 38.22 21.98
C LEU A 449 -10.02 39.64 21.38
N LYS A 450 -11.17 40.36 21.35
CA LYS A 450 -11.25 41.74 20.84
C LYS A 450 -10.30 42.65 21.60
N SER A 451 -10.21 42.46 22.94
CA SER A 451 -9.34 43.24 23.84
C SER A 451 -7.87 43.04 23.48
N LEU A 452 -7.44 41.78 23.34
CA LEU A 452 -6.07 41.43 22.95
C LEU A 452 -5.83 41.79 21.49
N GLY A 453 -6.90 41.94 20.72
CA GLY A 453 -6.81 42.25 19.31
C GLY A 453 -6.33 41.07 18.49
N VAL A 454 -6.72 39.85 18.90
CA VAL A 454 -6.34 38.61 18.24
C VAL A 454 -7.58 37.83 17.84
N MET B 2 -11.28 -3.49 -19.35
CA MET B 2 -12.34 -4.25 -20.00
C MET B 2 -12.53 -3.89 -21.50
N ALA B 3 -11.83 -2.84 -21.98
CA ALA B 3 -11.89 -2.38 -23.36
C ALA B 3 -10.44 -2.09 -23.80
N ALA B 4 -9.65 -3.17 -23.93
CA ALA B 4 -8.25 -3.02 -24.26
C ALA B 4 -7.95 -2.87 -25.74
N ASP B 5 -6.67 -2.65 -26.05
CA ASP B 5 -6.10 -2.52 -27.39
C ASP B 5 -5.39 -3.86 -27.66
N ILE B 6 -6.00 -4.65 -28.58
CA ILE B 6 -5.57 -6.00 -28.96
C ILE B 6 -4.93 -6.07 -30.34
N LEU B 7 -3.74 -6.69 -30.43
CA LEU B 7 -3.03 -6.96 -31.68
C LEU B 7 -3.20 -8.44 -32.05
N VAL B 8 -3.79 -8.71 -33.22
CA VAL B 8 -4.08 -10.07 -33.70
C VAL B 8 -3.12 -10.40 -34.87
N VAL B 9 -2.03 -11.14 -34.57
CA VAL B 9 -1.02 -11.54 -35.56
C VAL B 9 -1.33 -12.94 -36.09
N ASP B 10 -1.57 -13.07 -37.42
CA ASP B 10 -1.92 -14.33 -38.10
C ASP B 10 -1.67 -14.25 -39.62
N ASP B 11 -1.23 -15.38 -40.23
CA ASP B 11 -0.94 -15.54 -41.66
C ASP B 11 -2.21 -15.51 -42.54
N GLU B 12 -3.35 -15.97 -41.97
CA GLU B 12 -4.65 -16.06 -42.65
C GLU B 12 -5.56 -14.89 -42.33
N VAL B 13 -5.86 -14.08 -43.35
CA VAL B 13 -6.75 -12.91 -43.28
C VAL B 13 -8.13 -13.28 -42.70
N ASP B 14 -8.65 -14.50 -43.02
CA ASP B 14 -9.94 -15.02 -42.57
C ASP B 14 -10.01 -15.08 -41.04
N ILE B 15 -8.88 -15.44 -40.40
CA ILE B 15 -8.75 -15.55 -38.94
C ILE B 15 -8.50 -14.18 -38.35
N ARG B 16 -7.53 -13.43 -38.95
CA ARG B 16 -7.20 -12.04 -38.57
C ARG B 16 -8.49 -11.23 -38.46
N ASP B 17 -9.40 -11.37 -39.43
CA ASP B 17 -10.70 -10.71 -39.44
C ASP B 17 -11.63 -11.26 -38.38
N LEU B 18 -11.66 -12.60 -38.20
CA LEU B 18 -12.56 -13.29 -37.29
C LEU B 18 -12.34 -12.93 -35.83
N VAL B 19 -11.08 -13.09 -35.36
CA VAL B 19 -10.64 -12.77 -34.00
C VAL B 19 -10.82 -11.26 -33.73
N ALA B 20 -10.27 -10.40 -34.63
CA ALA B 20 -10.39 -8.93 -34.52
C ALA B 20 -11.82 -8.41 -34.53
N GLY B 21 -12.68 -9.08 -35.26
CA GLY B 21 -14.09 -8.72 -35.36
C GLY B 21 -14.83 -8.90 -34.06
N ILE B 22 -14.80 -10.15 -33.54
CA ILE B 22 -15.46 -10.60 -32.29
C ILE B 22 -15.07 -9.72 -31.11
N LEU B 23 -13.75 -9.49 -30.97
CA LEU B 23 -13.14 -8.70 -29.91
C LEU B 23 -13.52 -7.23 -29.99
N SER B 24 -13.45 -6.63 -31.22
CA SER B 24 -13.84 -5.23 -31.51
C SER B 24 -15.33 -5.02 -31.18
N ASP B 25 -16.17 -6.04 -31.48
CA ASP B 25 -17.60 -6.06 -31.22
C ASP B 25 -17.88 -6.10 -29.71
N GLU B 26 -16.86 -6.50 -28.92
CA GLU B 26 -16.98 -6.56 -27.45
C GLU B 26 -16.67 -5.16 -26.88
N GLY B 27 -15.86 -4.39 -27.61
CA GLY B 27 -15.46 -3.05 -27.24
C GLY B 27 -13.95 -2.88 -27.23
N HIS B 28 -13.24 -3.79 -27.88
CA HIS B 28 -11.79 -3.69 -27.91
C HIS B 28 -11.34 -2.95 -29.14
N GLU B 29 -10.09 -2.49 -29.11
CA GLU B 29 -9.44 -1.75 -30.18
C GLU B 29 -8.59 -2.81 -30.86
N THR B 30 -8.99 -3.21 -32.05
CA THR B 30 -8.28 -4.30 -32.71
C THR B 30 -7.39 -3.83 -33.86
N ARG B 31 -6.12 -4.29 -33.84
CA ARG B 31 -5.09 -4.04 -34.87
C ARG B 31 -4.55 -5.42 -35.30
N THR B 32 -4.25 -5.63 -36.61
CA THR B 32 -3.84 -6.94 -37.13
C THR B 32 -2.54 -6.96 -37.94
N ALA B 33 -1.77 -8.06 -37.84
CA ALA B 33 -0.51 -8.26 -38.56
C ALA B 33 -0.43 -9.64 -39.22
N PHE B 34 0.22 -9.71 -40.38
CA PHE B 34 0.35 -10.94 -41.17
C PHE B 34 1.67 -11.68 -40.93
N ASP B 35 2.69 -10.97 -40.42
CA ASP B 35 4.01 -11.53 -40.11
C ASP B 35 4.70 -10.82 -38.94
N ALA B 36 5.97 -11.20 -38.63
CA ALA B 36 6.76 -10.65 -37.54
C ALA B 36 7.14 -9.20 -37.78
N ASP B 37 7.49 -8.86 -39.04
CA ASP B 37 7.87 -7.51 -39.44
C ASP B 37 6.71 -6.54 -39.33
N SER B 38 5.48 -6.94 -39.73
CA SER B 38 4.32 -6.08 -39.59
C SER B 38 3.91 -5.98 -38.10
N ALA B 39 4.01 -7.11 -37.34
CA ALA B 39 3.70 -7.23 -35.91
C ALA B 39 4.55 -6.35 -35.03
N LEU B 40 5.88 -6.42 -35.19
CA LEU B 40 6.83 -5.63 -34.41
C LEU B 40 6.72 -4.13 -34.70
N ALA B 41 6.30 -3.78 -35.93
CA ALA B 41 6.05 -2.41 -36.39
C ALA B 41 4.74 -1.89 -35.76
N ALA B 42 3.76 -2.79 -35.52
CA ALA B 42 2.49 -2.44 -34.86
C ALA B 42 2.77 -2.12 -33.40
N ILE B 43 3.64 -2.94 -32.73
CA ILE B 43 4.10 -2.71 -31.33
C ILE B 43 4.82 -1.35 -31.31
N ASN B 44 5.59 -1.06 -32.40
CA ASN B 44 6.32 0.18 -32.62
C ASN B 44 5.37 1.36 -32.84
N ASP B 45 4.16 1.16 -33.41
CA ASP B 45 3.20 2.23 -33.60
C ASP B 45 2.74 2.73 -32.22
N ARG B 46 2.33 1.79 -31.37
CA ARG B 46 1.84 1.93 -30.01
C ARG B 46 1.77 0.49 -29.52
N ALA B 47 2.25 0.23 -28.31
CA ALA B 47 2.22 -1.11 -27.75
C ALA B 47 0.79 -1.51 -27.37
N PRO B 48 0.35 -2.74 -27.74
CA PRO B 48 -0.99 -3.18 -27.33
C PRO B 48 -1.01 -3.66 -25.87
N ARG B 49 -2.21 -3.94 -25.34
CA ARG B 49 -2.40 -4.42 -23.97
C ARG B 49 -2.59 -5.97 -23.95
N LEU B 50 -2.70 -6.58 -25.16
CA LEU B 50 -2.86 -8.01 -25.41
C LEU B 50 -2.47 -8.35 -26.86
N VAL B 51 -1.89 -9.54 -27.08
CA VAL B 51 -1.49 -10.05 -28.40
C VAL B 51 -2.10 -11.46 -28.61
N PHE B 52 -2.65 -11.71 -29.81
CA PHE B 52 -3.11 -13.03 -30.24
C PHE B 52 -2.13 -13.43 -31.32
N LEU B 53 -1.27 -14.43 -31.05
CA LEU B 53 -0.26 -14.88 -32.00
C LEU B 53 -0.46 -16.30 -32.49
N ASP B 54 -0.53 -16.47 -33.83
CA ASP B 54 -0.64 -17.78 -34.50
C ASP B 54 0.71 -18.48 -34.30
N ILE B 55 0.68 -19.80 -34.04
CA ILE B 55 1.90 -20.57 -33.81
C ILE B 55 2.70 -20.74 -35.13
N TRP B 56 2.02 -21.06 -36.24
CA TRP B 56 2.71 -21.23 -37.54
C TRP B 56 2.45 -20.08 -38.50
N LEU B 57 3.47 -19.23 -38.74
CA LEU B 57 3.36 -18.08 -39.65
C LEU B 57 3.98 -18.38 -41.02
N GLY B 64 7.16 -17.68 -35.42
CA GLY B 64 6.07 -18.24 -34.62
C GLY B 64 6.36 -18.22 -33.14
N LEU B 65 7.25 -19.13 -32.67
CA LEU B 65 7.66 -19.18 -31.26
C LEU B 65 8.86 -18.23 -31.08
N ALA B 66 9.47 -17.81 -32.22
CA ALA B 66 10.59 -16.87 -32.29
C ALA B 66 10.01 -15.46 -32.14
N LEU B 67 8.81 -15.23 -32.76
CA LEU B 67 8.10 -13.94 -32.64
C LEU B 67 7.65 -13.77 -31.18
N LEU B 68 7.15 -14.86 -30.55
CA LEU B 68 6.73 -14.90 -29.14
C LEU B 68 7.87 -14.43 -28.21
N ASP B 69 9.12 -14.88 -28.48
CA ASP B 69 10.31 -14.50 -27.71
C ASP B 69 10.61 -13.02 -27.85
N GLU B 70 10.58 -12.48 -29.09
CA GLU B 70 10.87 -11.08 -29.39
C GLU B 70 9.85 -10.16 -28.74
N ILE B 71 8.55 -10.52 -28.79
CA ILE B 71 7.48 -9.74 -28.15
C ILE B 71 7.76 -9.72 -26.65
N LYS B 72 8.07 -10.91 -26.07
CA LYS B 72 8.32 -11.07 -24.63
C LYS B 72 9.61 -10.45 -24.12
N LYS B 73 10.66 -10.40 -24.96
CA LYS B 73 11.95 -9.80 -24.61
C LYS B 73 11.80 -8.30 -24.57
N GLN B 74 11.16 -7.71 -25.60
CA GLN B 74 10.91 -6.27 -25.69
C GLN B 74 9.87 -5.83 -24.68
N HIS B 75 8.81 -6.66 -24.47
CA HIS B 75 7.69 -6.37 -23.56
C HIS B 75 7.39 -7.52 -22.59
N PRO B 76 8.08 -7.55 -21.43
CA PRO B 76 7.90 -8.65 -20.48
C PRO B 76 6.54 -8.71 -19.80
N GLU B 77 5.83 -7.57 -19.76
CA GLU B 77 4.51 -7.41 -19.13
C GLU B 77 3.32 -7.53 -20.11
N LEU B 78 3.59 -7.77 -21.41
CA LEU B 78 2.54 -7.89 -22.44
C LEU B 78 2.06 -9.34 -22.60
N PRO B 79 0.76 -9.64 -22.26
CA PRO B 79 0.26 -11.02 -22.43
C PRO B 79 0.10 -11.45 -23.88
N VAL B 80 0.55 -12.67 -24.19
CA VAL B 80 0.44 -13.26 -25.52
C VAL B 80 -0.38 -14.54 -25.42
N VAL B 81 -1.46 -14.60 -26.19
CA VAL B 81 -2.35 -15.75 -26.26
C VAL B 81 -2.16 -16.35 -27.66
N MET B 82 -1.97 -17.67 -27.77
CA MET B 82 -1.72 -18.33 -29.07
C MET B 82 -2.97 -18.73 -29.83
N ILE B 83 -2.80 -18.91 -31.15
CA ILE B 83 -3.85 -19.40 -32.05
C ILE B 83 -3.33 -20.74 -32.59
N SER B 84 -3.80 -21.84 -31.97
CA SER B 84 -3.39 -23.21 -32.33
C SER B 84 -4.45 -23.95 -33.15
N GLY B 85 -3.98 -24.94 -33.92
CA GLY B 85 -4.84 -25.82 -34.71
C GLY B 85 -5.54 -26.83 -33.83
N HIS B 86 -6.53 -27.57 -34.40
CA HIS B 86 -7.29 -28.57 -33.65
C HIS B 86 -6.45 -29.81 -33.24
N GLY B 87 -5.50 -30.16 -34.10
CA GLY B 87 -4.65 -31.33 -33.95
C GLY B 87 -3.79 -31.37 -32.70
N ASN B 88 -2.98 -30.32 -32.47
CA ASN B 88 -2.06 -30.42 -31.37
C ASN B 88 -1.99 -29.26 -30.41
N ILE B 89 -2.15 -29.60 -29.13
CA ILE B 89 -1.96 -28.71 -27.99
C ILE B 89 -0.50 -28.87 -27.58
N GLU B 90 0.27 -29.84 -28.19
CA GLU B 90 1.70 -30.05 -27.87
C GLU B 90 2.52 -28.77 -28.01
N THR B 91 2.48 -28.12 -29.19
CA THR B 91 3.13 -26.84 -29.49
C THR B 91 2.49 -25.69 -28.71
N ALA B 92 1.14 -25.71 -28.59
CA ALA B 92 0.34 -24.74 -27.83
C ALA B 92 0.81 -24.66 -26.38
N VAL B 93 0.97 -25.83 -25.73
CA VAL B 93 1.44 -26.03 -24.36
C VAL B 93 2.92 -25.68 -24.28
N SER B 94 3.70 -26.00 -25.36
CA SER B 94 5.13 -25.67 -25.41
C SER B 94 5.29 -24.15 -25.33
N ALA B 95 4.42 -23.41 -26.07
CA ALA B 95 4.40 -21.95 -26.13
C ALA B 95 4.13 -21.32 -24.76
N ILE B 96 3.26 -21.95 -23.92
CA ILE B 96 2.95 -21.49 -22.55
C ILE B 96 4.24 -21.44 -21.74
N ARG B 97 5.07 -22.49 -21.88
CA ARG B 97 6.36 -22.62 -21.21
C ARG B 97 7.36 -21.62 -21.80
N ARG B 98 7.29 -21.37 -23.11
CA ARG B 98 8.15 -20.40 -23.79
C ARG B 98 7.78 -18.94 -23.43
N GLY B 99 6.66 -18.75 -22.70
CA GLY B 99 6.22 -17.43 -22.24
C GLY B 99 4.78 -17.05 -22.50
N ALA B 100 4.02 -17.86 -23.28
CA ALA B 100 2.61 -17.55 -23.58
C ALA B 100 1.72 -17.67 -22.34
N TYR B 101 0.61 -16.91 -22.33
CA TYR B 101 -0.33 -16.92 -21.22
C TYR B 101 -1.30 -18.09 -21.36
N ASP B 102 -1.97 -18.19 -22.52
CA ASP B 102 -2.96 -19.23 -22.83
C ASP B 102 -2.94 -19.46 -24.37
N PHE B 103 -3.89 -20.27 -24.88
CA PHE B 103 -4.06 -20.53 -26.31
C PHE B 103 -5.52 -20.77 -26.66
N ILE B 104 -5.87 -20.39 -27.90
CA ILE B 104 -7.19 -20.58 -28.49
C ILE B 104 -7.08 -21.58 -29.64
N GLU B 105 -7.98 -22.57 -29.61
CA GLU B 105 -8.01 -23.68 -30.56
C GLU B 105 -9.12 -23.51 -31.59
N LYS B 106 -8.76 -23.68 -32.88
CA LYS B 106 -9.70 -23.61 -34.01
C LYS B 106 -10.43 -24.95 -34.20
N PRO B 107 -11.75 -24.97 -34.45
CA PRO B 107 -12.67 -23.82 -34.51
C PRO B 107 -13.06 -23.38 -33.10
N PHE B 108 -13.25 -22.08 -32.92
CA PHE B 108 -13.61 -21.55 -31.61
C PHE B 108 -14.95 -20.85 -31.65
N LYS B 109 -15.65 -20.86 -30.49
CA LYS B 109 -16.90 -20.14 -30.30
C LYS B 109 -16.46 -18.72 -29.87
N ALA B 110 -17.22 -17.69 -30.27
CA ALA B 110 -16.91 -16.30 -29.97
C ALA B 110 -16.83 -16.05 -28.46
N ASP B 111 -17.78 -16.65 -27.70
CA ASP B 111 -17.83 -16.53 -26.24
C ASP B 111 -16.57 -17.00 -25.52
N ARG B 112 -15.87 -18.05 -26.04
CA ARG B 112 -14.62 -18.55 -25.46
C ARG B 112 -13.56 -17.46 -25.62
N LEU B 113 -13.46 -16.91 -26.85
CA LEU B 113 -12.52 -15.82 -27.19
C LEU B 113 -12.68 -14.61 -26.25
N ILE B 114 -13.95 -14.17 -25.97
CA ILE B 114 -14.27 -13.04 -25.09
C ILE B 114 -13.61 -13.28 -23.72
N LEU B 115 -13.95 -14.44 -23.11
CA LEU B 115 -13.44 -14.92 -21.82
C LEU B 115 -11.91 -15.04 -21.79
N VAL B 116 -11.34 -15.68 -22.82
CA VAL B 116 -9.90 -15.84 -22.98
C VAL B 116 -9.22 -14.49 -22.88
N ALA B 117 -9.64 -13.51 -23.71
CA ALA B 117 -9.08 -12.15 -23.69
C ALA B 117 -9.30 -11.45 -22.32
N GLU B 118 -10.54 -11.51 -21.77
CA GLU B 118 -10.91 -10.97 -20.47
C GLU B 118 -9.94 -11.46 -19.36
N ARG B 119 -9.78 -12.82 -19.25
CA ARG B 119 -8.91 -13.49 -18.27
C ARG B 119 -7.43 -13.12 -18.45
N ALA B 120 -7.00 -12.97 -19.71
CA ALA B 120 -5.62 -12.60 -20.08
C ALA B 120 -5.28 -11.17 -19.66
N LEU B 121 -6.28 -10.27 -19.79
CA LEU B 121 -6.17 -8.87 -19.45
C LEU B 121 -6.23 -8.72 -17.95
N GLU B 122 -7.23 -9.36 -17.28
CA GLU B 122 -7.42 -9.34 -15.83
C GLU B 122 -6.11 -9.68 -15.09
N THR B 123 -5.40 -10.74 -15.53
CA THR B 123 -4.13 -11.15 -14.95
C THR B 123 -3.10 -10.04 -15.14
N SER B 124 -2.87 -9.59 -16.39
CA SER B 124 -1.92 -8.53 -16.74
C SER B 124 -2.16 -7.26 -15.91
N LYS B 125 -3.45 -6.92 -15.70
CA LYS B 125 -3.89 -5.79 -14.90
C LYS B 125 -3.47 -6.01 -13.47
N LEU B 126 -3.75 -7.21 -12.88
CA LEU B 126 -3.41 -7.58 -11.48
C LEU B 126 -1.93 -7.46 -11.24
N LYS B 127 -1.12 -8.06 -12.12
CA LYS B 127 0.34 -8.02 -12.09
C LYS B 127 0.86 -6.54 -12.09
N ARG B 128 0.16 -5.65 -12.81
CA ARG B 128 0.45 -4.21 -12.88
C ARG B 128 -0.07 -3.52 -11.62
N GLU B 129 -1.23 -3.95 -11.09
CA GLU B 129 -1.82 -3.43 -9.84
C GLU B 129 -0.94 -3.84 -8.66
N VAL B 130 -0.10 -4.89 -8.84
CA VAL B 130 0.85 -5.38 -7.86
C VAL B 130 2.07 -4.46 -7.92
N SER B 131 2.69 -4.30 -9.11
CA SER B 131 3.86 -3.44 -9.31
C SER B 131 3.62 -1.98 -8.86
N ASP B 132 2.42 -1.45 -9.11
CA ASP B 132 2.00 -0.12 -8.70
C ASP B 132 1.83 -0.03 -7.18
N LEU B 133 1.04 -0.94 -6.55
CA LEU B 133 0.84 -0.97 -5.09
C LEU B 133 2.16 -1.15 -4.37
N ARG B 134 3.08 -1.98 -4.94
CA ARG B 134 4.41 -2.22 -4.42
C ARG B 134 5.28 -0.96 -4.44
N LYS B 135 5.13 -0.07 -5.44
CA LYS B 135 5.93 1.15 -5.54
C LYS B 135 5.55 2.24 -4.51
N ARG B 136 4.32 2.16 -3.94
CA ARG B 136 3.86 3.10 -2.91
C ARG B 136 4.13 2.57 -1.48
N THR B 137 4.40 1.24 -1.36
CA THR B 137 4.72 0.53 -0.11
C THR B 137 6.24 0.17 -0.15
N GLY B 138 6.77 -0.41 0.93
CA GLY B 138 8.16 -0.82 1.05
C GLY B 138 8.46 -2.15 0.38
N GLU B 142 13.15 -7.49 -2.18
CA GLU B 142 14.59 -7.66 -1.97
C GLU B 142 15.21 -6.67 -0.93
N LEU B 143 16.33 -7.12 -0.30
CA LEU B 143 17.07 -6.49 0.80
C LEU B 143 18.35 -5.72 0.40
N VAL B 144 18.33 -4.40 0.66
CA VAL B 144 19.44 -3.48 0.41
C VAL B 144 20.51 -3.71 1.49
N GLY B 145 21.76 -3.45 1.14
CA GLY B 145 22.91 -3.65 2.00
C GLY B 145 24.04 -4.26 1.20
N THR B 146 25.25 -3.71 1.33
CA THR B 146 26.41 -4.22 0.60
C THR B 146 27.38 -4.77 1.63
N SER B 147 27.08 -4.55 2.90
CA SER B 147 27.88 -4.95 4.03
C SER B 147 28.12 -6.46 4.10
N LEU B 148 29.07 -6.87 4.92
CA LEU B 148 29.41 -8.28 5.11
C LEU B 148 28.27 -8.98 5.87
N ALA B 149 27.58 -8.21 6.73
CA ALA B 149 26.44 -8.66 7.54
C ALA B 149 25.28 -9.05 6.61
N MET B 150 25.01 -8.15 5.63
CA MET B 150 23.93 -8.33 4.67
C MET B 150 24.18 -9.48 3.72
N ASN B 151 25.40 -9.56 3.15
CA ASN B 151 25.84 -10.64 2.26
C ASN B 151 25.70 -12.00 2.99
N GLN B 152 26.14 -12.07 4.27
CA GLN B 152 26.01 -13.30 5.07
C GLN B 152 24.54 -13.70 5.24
N LEU B 153 23.64 -12.71 5.46
CA LEU B 153 22.20 -12.92 5.61
C LEU B 153 21.58 -13.40 4.29
N ARG B 154 21.93 -12.74 3.18
CA ARG B 154 21.43 -13.13 1.87
C ARG B 154 21.82 -14.56 1.53
N GLN B 155 23.05 -14.96 1.88
CA GLN B 155 23.54 -16.31 1.65
C GLN B 155 22.84 -17.31 2.54
N THR B 156 22.49 -16.92 3.79
CA THR B 156 21.74 -17.75 4.74
C THR B 156 20.35 -18.00 4.17
N ILE B 157 19.68 -16.93 3.65
CA ILE B 157 18.34 -16.97 3.03
C ILE B 157 18.37 -17.97 1.88
N GLU B 158 19.33 -17.79 0.96
CA GLU B 158 19.56 -18.61 -0.24
C GLU B 158 19.70 -20.10 0.09
N ARG B 159 20.36 -20.41 1.23
CA ARG B 159 20.62 -21.75 1.73
C ARG B 159 19.40 -22.41 2.37
N VAL B 160 18.72 -21.71 3.29
CA VAL B 160 17.61 -22.27 4.07
C VAL B 160 16.26 -22.26 3.35
N ALA B 161 16.06 -21.36 2.38
CA ALA B 161 14.80 -21.25 1.64
C ALA B 161 14.43 -22.55 0.85
N PRO B 162 15.33 -23.20 0.04
CA PRO B 162 14.93 -24.43 -0.68
C PRO B 162 14.56 -25.61 0.23
N THR B 163 15.12 -25.69 1.47
CA THR B 163 14.78 -26.69 2.48
C THR B 163 13.29 -26.55 2.88
N ASN B 164 12.77 -27.52 3.60
CA ASN B 164 11.38 -27.59 4.06
C ASN B 164 11.37 -27.35 5.58
N SER B 165 12.54 -26.97 6.14
CA SER B 165 12.76 -26.76 7.58
C SER B 165 12.03 -25.58 8.15
N ARG B 166 11.69 -25.69 9.44
CA ARG B 166 11.09 -24.63 10.25
C ARG B 166 12.18 -23.59 10.55
N ILE B 167 11.86 -22.29 10.34
CA ILE B 167 12.80 -21.18 10.59
C ILE B 167 12.44 -20.41 11.85
N MET B 168 13.48 -19.87 12.51
CA MET B 168 13.36 -19.02 13.67
C MET B 168 14.23 -17.78 13.38
N ILE B 169 13.59 -16.69 12.95
CA ILE B 169 14.25 -15.43 12.60
C ILE B 169 14.37 -14.55 13.85
N THR B 170 15.61 -14.26 14.24
CA THR B 170 15.88 -13.42 15.41
C THR B 170 16.61 -12.15 14.99
N GLY B 171 16.10 -11.01 15.46
CA GLY B 171 16.67 -9.70 15.16
C GLY B 171 16.00 -8.59 15.95
N PRO B 172 16.64 -7.40 16.14
CA PRO B 172 15.94 -6.31 16.85
C PRO B 172 14.73 -5.80 16.04
N SER B 173 13.86 -5.01 16.68
CA SER B 173 12.67 -4.48 16.03
C SER B 173 13.04 -3.53 14.89
N GLY B 174 12.35 -3.69 13.77
CA GLY B 174 12.59 -2.86 12.59
C GLY B 174 13.82 -3.29 11.81
N ALA B 175 14.47 -4.43 12.19
CA ALA B 175 15.71 -4.94 11.57
C ALA B 175 15.62 -5.47 10.14
N GLY B 176 14.54 -6.22 9.85
CA GLY B 176 14.29 -6.84 8.54
C GLY B 176 13.73 -8.24 8.62
N LYS B 177 13.24 -8.69 9.83
CA LYS B 177 12.75 -10.06 10.03
C LYS B 177 11.64 -10.46 9.07
N GLU B 178 10.58 -9.64 8.94
CA GLU B 178 9.47 -9.93 8.01
C GLU B 178 9.93 -10.01 6.55
N LEU B 179 10.91 -9.18 6.16
CA LEU B 179 11.41 -9.17 4.80
C LEU B 179 12.21 -10.42 4.51
N VAL B 180 12.99 -10.88 5.50
CA VAL B 180 13.78 -12.09 5.42
C VAL B 180 12.77 -13.24 5.25
N ALA B 181 11.70 -13.28 6.08
CA ALA B 181 10.63 -14.27 5.98
C ALA B 181 10.04 -14.36 4.55
N ARG B 182 9.69 -13.20 3.96
CA ARG B 182 9.12 -13.06 2.62
C ARG B 182 10.12 -13.48 1.55
N ALA B 183 11.42 -13.17 1.78
CA ALA B 183 12.51 -13.52 0.88
C ALA B 183 12.70 -15.02 0.89
N ILE B 184 12.59 -15.65 2.08
CA ILE B 184 12.69 -17.11 2.23
C ILE B 184 11.51 -17.75 1.52
N HIS B 185 10.32 -17.13 1.61
CA HIS B 185 9.11 -17.61 0.96
C HIS B 185 9.26 -17.56 -0.56
N ALA B 186 9.69 -16.42 -1.12
CA ALA B 186 9.87 -16.23 -2.56
C ALA B 186 10.89 -17.20 -3.17
N GLN B 187 11.79 -17.74 -2.32
CA GLN B 187 12.87 -18.63 -2.73
C GLN B 187 12.63 -20.11 -2.35
N SER B 188 11.49 -20.42 -1.72
CA SER B 188 11.11 -21.78 -1.33
C SER B 188 10.19 -22.38 -2.40
N SER B 189 9.85 -23.68 -2.27
CA SER B 189 8.95 -24.41 -3.17
C SER B 189 7.48 -24.01 -2.95
N ARG B 190 7.18 -23.36 -1.81
CA ARG B 190 5.84 -22.87 -1.46
C ARG B 190 5.66 -21.39 -1.89
N ALA B 191 6.58 -20.85 -2.76
CA ALA B 191 6.58 -19.47 -3.27
C ALA B 191 5.27 -19.06 -3.95
N ASN B 192 4.55 -20.04 -4.52
CA ASN B 192 3.26 -19.80 -5.19
C ASN B 192 2.11 -20.05 -4.24
N GLY B 193 2.45 -20.56 -3.07
CA GLY B 193 1.49 -20.85 -2.02
C GLY B 193 1.27 -19.66 -1.11
N PRO B 194 0.27 -19.72 -0.20
CA PRO B 194 0.04 -18.58 0.68
C PRO B 194 1.23 -18.20 1.59
N PHE B 195 1.30 -16.91 1.93
CA PHE B 195 2.23 -16.33 2.90
C PHE B 195 1.32 -15.60 3.88
N VAL B 196 0.87 -16.33 4.92
CA VAL B 196 -0.06 -15.84 5.94
C VAL B 196 0.71 -15.36 7.15
N THR B 197 0.41 -14.14 7.64
CA THR B 197 1.09 -13.58 8.81
C THR B 197 0.17 -13.55 10.01
N VAL B 198 0.74 -13.71 11.22
CA VAL B 198 0.03 -13.70 12.50
C VAL B 198 0.82 -12.76 13.43
N ASN B 199 0.31 -11.54 13.66
CA ASN B 199 1.00 -10.61 14.52
C ASN B 199 0.28 -10.55 15.87
N ALA B 200 0.83 -11.26 16.88
CA ALA B 200 0.24 -11.34 18.23
C ALA B 200 -0.04 -9.95 18.88
N ALA B 201 0.92 -9.00 18.75
CA ALA B 201 0.82 -7.63 19.26
C ALA B 201 -0.44 -6.89 18.77
N THR B 202 -0.84 -7.07 17.51
CA THR B 202 -2.03 -6.42 16.96
C THR B 202 -3.31 -7.29 17.04
N ILE B 203 -3.23 -8.53 17.58
CA ILE B 203 -4.44 -9.35 17.71
C ILE B 203 -4.94 -9.25 19.17
N THR B 204 -6.25 -8.98 19.37
CA THR B 204 -6.85 -8.92 20.71
C THR B 204 -6.88 -10.35 21.32
N PRO B 205 -6.65 -10.50 22.66
CA PRO B 205 -6.66 -11.86 23.24
C PRO B 205 -7.99 -12.61 23.08
N GLU B 206 -9.11 -11.86 23.17
CA GLU B 206 -10.50 -12.35 23.03
C GLU B 206 -10.80 -12.85 21.61
N ARG B 207 -10.01 -12.41 20.61
CA ARG B 207 -10.16 -12.78 19.19
C ARG B 207 -8.97 -13.61 18.65
N MET B 208 -7.97 -13.91 19.50
CA MET B 208 -6.78 -14.66 19.13
C MET B 208 -7.07 -16.10 18.66
N GLU B 209 -8.07 -16.77 19.29
CA GLU B 209 -8.49 -18.14 18.96
C GLU B 209 -9.10 -18.18 17.56
N ILE B 210 -9.97 -17.20 17.25
CA ILE B 210 -10.66 -17.04 15.97
C ILE B 210 -9.69 -16.71 14.83
N GLU B 211 -8.71 -15.86 15.12
CA GLU B 211 -7.72 -15.45 14.13
C GLU B 211 -6.81 -16.59 13.65
N LEU B 212 -6.56 -17.59 14.52
CA LEU B 212 -5.68 -18.73 14.25
C LEU B 212 -6.39 -19.97 13.73
N PHE B 213 -7.65 -20.18 14.17
CA PHE B 213 -8.41 -21.39 13.85
C PHE B 213 -9.71 -21.17 13.08
N GLY B 214 -10.30 -19.99 13.21
CA GLY B 214 -11.55 -19.64 12.53
C GLY B 214 -12.77 -20.10 13.30
N THR B 215 -13.95 -19.90 12.70
CA THR B 215 -15.23 -20.31 13.27
C THR B 215 -16.00 -21.22 12.31
N GLU B 216 -16.83 -22.13 12.85
CA GLU B 216 -17.66 -23.07 12.07
C GLU B 216 -18.84 -22.38 11.37
N MET B 217 -19.43 -23.04 10.33
CA MET B 217 -20.56 -22.54 9.55
C MET B 217 -21.83 -22.34 10.40
N GLU B 221 -18.88 -15.19 4.17
CA GLU B 221 -19.65 -15.68 5.31
C GLU B 221 -18.79 -16.49 6.30
N ARG B 222 -18.05 -17.51 5.79
CA ARG B 222 -17.18 -18.36 6.62
C ARG B 222 -15.88 -17.67 7.01
N LYS B 223 -15.50 -17.76 8.31
CA LYS B 223 -14.26 -17.18 8.84
C LYS B 223 -13.13 -18.23 8.86
N VAL B 224 -12.13 -18.05 7.98
CA VAL B 224 -11.00 -18.95 7.86
C VAL B 224 -9.82 -18.42 8.68
N GLY B 225 -9.37 -19.23 9.63
CA GLY B 225 -8.26 -18.91 10.51
C GLY B 225 -6.95 -18.90 9.74
N ALA B 226 -5.91 -18.36 10.38
CA ALA B 226 -4.57 -18.23 9.80
C ALA B 226 -3.99 -19.56 9.35
N LEU B 227 -4.13 -20.61 10.18
CA LEU B 227 -3.59 -21.95 9.93
C LEU B 227 -4.16 -22.62 8.70
N GLU B 228 -5.51 -22.60 8.56
CA GLU B 228 -6.22 -23.16 7.42
C GLU B 228 -5.81 -22.40 6.15
N GLU B 229 -5.82 -21.05 6.21
CA GLU B 229 -5.44 -20.13 5.13
C GLU B 229 -4.02 -20.38 4.66
N ALA B 230 -3.12 -20.71 5.61
CA ALA B 230 -1.72 -20.97 5.34
C ALA B 230 -1.44 -22.36 4.73
N HIS B 231 -2.46 -23.27 4.70
CA HIS B 231 -2.35 -24.61 4.14
C HIS B 231 -1.68 -24.62 2.76
N GLY B 232 -0.63 -25.44 2.66
CA GLY B 232 0.17 -25.59 1.45
C GLY B 232 1.13 -24.45 1.19
N GLY B 233 1.29 -23.55 2.16
CA GLY B 233 2.18 -22.40 2.06
C GLY B 233 2.97 -22.18 3.33
N ILE B 234 3.33 -20.91 3.60
CA ILE B 234 4.10 -20.53 4.79
C ILE B 234 3.26 -19.68 5.79
N LEU B 235 3.26 -20.09 7.06
CA LEU B 235 2.64 -19.32 8.14
C LEU B 235 3.75 -18.61 8.93
N TYR B 236 3.65 -17.27 9.02
CA TYR B 236 4.61 -16.45 9.72
C TYR B 236 4.05 -16.04 11.07
N LEU B 237 4.74 -16.46 12.15
CA LEU B 237 4.38 -16.13 13.52
C LEU B 237 5.26 -14.95 13.95
N ASP B 238 4.77 -13.73 13.68
CA ASP B 238 5.44 -12.47 13.95
C ASP B 238 5.46 -12.19 15.44
N GLU B 239 6.67 -12.22 16.04
CA GLU B 239 6.90 -11.98 17.47
C GLU B 239 6.09 -12.93 18.36
N VAL B 240 6.54 -14.20 18.41
CA VAL B 240 5.94 -15.25 19.24
C VAL B 240 5.83 -14.83 20.71
N ALA B 241 6.82 -14.05 21.23
CA ALA B 241 6.86 -13.54 22.61
C ALA B 241 5.64 -12.69 23.00
N ASP B 242 4.93 -12.07 22.00
CA ASP B 242 3.71 -11.29 22.24
C ASP B 242 2.48 -12.17 22.53
N MET B 243 2.58 -13.50 22.28
CA MET B 243 1.51 -14.47 22.54
C MET B 243 1.47 -14.78 24.03
N PRO B 244 0.28 -14.72 24.68
CA PRO B 244 0.21 -15.11 26.11
C PRO B 244 0.44 -16.61 26.28
N ARG B 245 0.66 -17.07 27.53
CA ARG B 245 0.86 -18.51 27.82
C ARG B 245 -0.32 -19.33 27.31
N GLU B 246 -1.56 -18.78 27.45
CA GLU B 246 -2.82 -19.36 27.03
C GLU B 246 -2.78 -19.82 25.57
N THR B 247 -2.28 -18.94 24.66
CA THR B 247 -2.25 -19.21 23.21
C THR B 247 -0.93 -19.88 22.75
N GLN B 248 0.13 -19.84 23.59
CA GLN B 248 1.41 -20.51 23.35
C GLN B 248 1.17 -22.04 23.37
N ASN B 249 0.30 -22.48 24.33
CA ASN B 249 -0.14 -23.85 24.55
C ASN B 249 -0.88 -24.32 23.29
N LYS B 250 -1.85 -23.49 22.82
CA LYS B 250 -2.64 -23.68 21.60
C LYS B 250 -1.72 -23.93 20.39
N ILE B 251 -0.71 -23.04 20.15
CA ILE B 251 0.27 -23.16 19.05
C ILE B 251 1.00 -24.48 19.15
N LEU B 252 1.52 -24.83 20.36
CA LEU B 252 2.25 -26.08 20.61
C LEU B 252 1.41 -27.30 20.29
N ARG B 253 0.15 -27.33 20.81
CA ARG B 253 -0.83 -28.40 20.56
C ARG B 253 -1.05 -28.59 19.05
N VAL B 254 -0.96 -27.50 18.23
CA VAL B 254 -1.07 -27.58 16.77
C VAL B 254 0.21 -28.21 16.17
N LEU B 255 1.39 -27.90 16.75
CA LEU B 255 2.68 -28.36 16.25
C LEU B 255 2.90 -29.87 16.28
N VAL B 256 2.31 -30.57 17.28
CA VAL B 256 2.49 -32.02 17.49
C VAL B 256 1.82 -32.89 16.37
N ASP B 257 0.51 -32.65 16.11
CA ASP B 257 -0.35 -33.38 15.18
C ASP B 257 -0.65 -32.70 13.83
N GLN B 258 -0.42 -31.38 13.70
CA GLN B 258 -0.70 -30.55 12.50
C GLN B 258 -2.21 -30.42 12.31
N GLN B 259 -2.97 -30.55 13.40
CA GLN B 259 -4.43 -30.49 13.41
C GLN B 259 -4.94 -29.48 14.42
N PHE B 260 -6.19 -29.02 14.25
CA PHE B 260 -6.83 -28.06 15.14
C PHE B 260 -8.35 -28.06 14.98
N GLU B 261 -9.06 -27.51 15.97
CA GLU B 261 -10.50 -27.38 15.92
C GLU B 261 -10.86 -25.93 15.65
N ARG B 262 -11.98 -25.70 14.99
CA ARG B 262 -12.44 -24.33 14.77
C ARG B 262 -13.28 -23.92 15.97
N VAL B 263 -13.29 -22.62 16.31
CA VAL B 263 -14.06 -22.04 17.40
C VAL B 263 -15.57 -22.33 17.20
N GLY B 264 -16.22 -22.84 18.25
CA GLY B 264 -17.62 -23.22 18.26
C GLY B 264 -17.93 -24.38 17.34
N GLY B 265 -16.95 -25.28 17.18
CA GLY B 265 -17.05 -26.43 16.29
C GLY B 265 -16.26 -27.66 16.69
N THR B 266 -16.86 -28.84 16.44
CA THR B 266 -16.33 -30.20 16.70
C THR B 266 -15.25 -30.58 15.66
N LYS B 267 -15.43 -30.17 14.39
CA LYS B 267 -14.55 -30.50 13.27
C LYS B 267 -13.09 -30.15 13.51
N ARG B 268 -12.26 -31.16 13.24
CA ARG B 268 -10.81 -31.15 13.37
C ARG B 268 -10.18 -31.12 11.98
N VAL B 269 -9.43 -30.05 11.71
CA VAL B 269 -8.80 -29.74 10.43
C VAL B 269 -7.30 -30.06 10.45
N LYS B 270 -6.81 -30.73 9.39
CA LYS B 270 -5.39 -31.01 9.21
C LYS B 270 -4.86 -30.14 8.07
N VAL B 271 -3.77 -29.40 8.35
CA VAL B 271 -3.12 -28.48 7.41
C VAL B 271 -1.65 -28.84 7.25
N ASP B 272 -1.05 -28.43 6.14
CA ASP B 272 0.36 -28.61 5.86
C ASP B 272 0.99 -27.24 5.66
N VAL B 273 1.55 -26.67 6.76
CA VAL B 273 2.17 -25.34 6.75
C VAL B 273 3.65 -25.41 7.15
N ARG B 274 4.47 -24.55 6.52
CA ARG B 274 5.89 -24.42 6.85
C ARG B 274 5.96 -23.23 7.80
N ILE B 275 6.32 -23.45 9.06
CA ILE B 275 6.31 -22.36 10.01
C ILE B 275 7.63 -21.58 10.01
N ILE B 276 7.48 -20.25 10.02
CA ILE B 276 8.53 -19.24 10.12
C ILE B 276 8.13 -18.37 11.29
N SER B 277 8.99 -18.34 12.31
CA SER B 277 8.80 -17.59 13.54
C SER B 277 9.80 -16.48 13.59
N SER B 278 9.58 -15.52 14.48
CA SER B 278 10.46 -14.39 14.63
C SER B 278 10.29 -13.79 16.00
N THR B 279 11.42 -13.32 16.58
CA THR B 279 11.40 -12.63 17.87
C THR B 279 12.54 -11.62 18.01
N ALA B 280 12.21 -10.49 18.62
CA ALA B 280 13.11 -9.39 19.00
C ALA B 280 13.41 -9.53 20.49
N GLN B 281 12.80 -10.54 21.15
CA GLN B 281 12.95 -10.83 22.57
C GLN B 281 13.89 -12.01 22.86
N ASN B 282 14.36 -12.10 24.10
CA ASN B 282 15.22 -13.20 24.51
C ASN B 282 14.25 -14.24 25.04
N LEU B 283 14.07 -15.33 24.27
CA LEU B 283 13.09 -16.37 24.65
C LEU B 283 13.59 -17.27 25.79
N GLU B 284 14.91 -17.58 25.82
CA GLU B 284 15.53 -18.41 26.86
C GLU B 284 15.38 -17.74 28.23
N GLY B 285 15.53 -16.42 28.25
CA GLY B 285 15.36 -15.60 29.45
C GLY B 285 13.92 -15.55 29.91
N MET B 286 12.99 -15.60 28.95
CA MET B 286 11.55 -15.60 29.21
C MET B 286 11.13 -16.95 29.82
N ILE B 287 11.77 -18.07 29.36
CA ILE B 287 11.55 -19.43 29.86
C ILE B 287 12.03 -19.46 31.31
N ALA B 288 13.15 -18.75 31.58
CA ALA B 288 13.73 -18.61 32.92
C ALA B 288 12.76 -17.84 33.83
N GLU B 289 12.04 -16.85 33.28
CA GLU B 289 11.05 -16.04 34.01
C GLU B 289 9.66 -16.70 34.05
N GLY B 290 9.48 -17.76 33.26
CA GLY B 290 8.23 -18.51 33.14
C GLY B 290 7.16 -17.72 32.41
N THR B 291 7.60 -16.86 31.46
CA THR B 291 6.74 -16.01 30.64
C THR B 291 6.54 -16.62 29.23
N PHE B 292 7.37 -17.62 28.86
CA PHE B 292 7.33 -18.36 27.59
C PHE B 292 7.58 -19.84 27.86
N ARG B 293 6.97 -20.74 27.04
CA ARG B 293 7.04 -22.20 27.15
C ARG B 293 8.33 -22.80 26.58
N GLU B 294 9.02 -23.63 27.40
CA GLU B 294 10.30 -24.29 27.08
C GLU B 294 10.22 -25.23 25.87
N ASP B 295 9.14 -26.05 25.83
CA ASP B 295 8.91 -27.02 24.75
C ASP B 295 8.57 -26.31 23.46
N LEU B 296 7.70 -25.28 23.53
CA LEU B 296 7.31 -24.48 22.37
C LEU B 296 8.52 -23.84 21.70
N PHE B 297 9.41 -23.21 22.50
CA PHE B 297 10.63 -22.55 22.03
C PHE B 297 11.50 -23.51 21.23
N HIS B 298 11.74 -24.72 21.76
CA HIS B 298 12.56 -25.73 21.12
C HIS B 298 11.95 -26.24 19.80
N ARG B 299 10.60 -26.41 19.79
CA ARG B 299 9.79 -26.87 18.65
C ARG B 299 9.82 -25.85 17.50
N LEU B 300 9.86 -24.54 17.83
CA LEU B 300 9.91 -23.43 16.89
C LEU B 300 11.34 -23.10 16.46
N SER B 301 12.29 -23.13 17.42
CA SER B 301 13.70 -22.79 17.20
C SER B 301 14.45 -23.88 16.44
N VAL B 302 14.11 -24.08 15.15
CA VAL B 302 14.75 -25.15 14.38
C VAL B 302 15.98 -24.61 13.64
N VAL B 303 15.82 -24.01 12.44
CA VAL B 303 16.93 -23.43 11.68
C VAL B 303 16.98 -21.94 12.02
N PRO B 304 17.96 -21.49 12.84
CA PRO B 304 17.99 -20.07 13.20
C PRO B 304 18.58 -19.20 12.10
N VAL B 305 18.03 -18.01 11.93
CA VAL B 305 18.48 -16.97 10.97
C VAL B 305 18.52 -15.69 11.79
N GLN B 306 19.65 -14.97 11.76
CA GLN B 306 19.82 -13.76 12.55
C GLN B 306 19.89 -12.51 11.72
N VAL B 307 18.90 -11.62 11.86
CA VAL B 307 18.89 -10.33 11.17
C VAL B 307 19.73 -9.38 12.04
N PRO B 308 20.83 -8.78 11.49
CA PRO B 308 21.67 -7.90 12.32
C PRO B 308 21.04 -6.54 12.58
N ALA B 309 21.44 -5.91 13.70
CA ALA B 309 21.00 -4.55 13.99
C ALA B 309 21.66 -3.62 12.99
N LEU B 310 21.11 -2.42 12.80
CA LEU B 310 21.68 -1.43 11.89
C LEU B 310 23.06 -1.01 12.47
N ALA B 311 23.18 -0.99 13.82
CA ALA B 311 24.41 -0.73 14.57
C ALA B 311 25.53 -1.71 14.14
N ALA B 312 25.15 -2.94 13.73
CA ALA B 312 26.04 -3.98 13.26
C ALA B 312 26.43 -3.86 11.77
N ARG B 313 25.84 -2.90 11.04
CA ARG B 313 26.07 -2.66 9.61
C ARG B 313 25.92 -1.14 9.29
N ARG B 314 26.54 -0.29 10.15
CA ARG B 314 26.52 1.16 10.03
C ARG B 314 26.94 1.65 8.67
N GLU B 315 27.89 0.94 8.02
CA GLU B 315 28.39 1.30 6.69
C GLU B 315 27.26 1.36 5.63
N ASP B 316 26.12 0.66 5.87
CA ASP B 316 24.96 0.66 4.97
C ASP B 316 24.04 1.85 5.12
N ILE B 317 24.10 2.57 6.27
CA ILE B 317 23.27 3.74 6.52
C ILE B 317 23.27 4.67 5.28
N PRO B 318 24.44 5.12 4.73
CA PRO B 318 24.39 5.99 3.55
C PRO B 318 23.71 5.38 2.32
N SER B 319 23.95 4.09 2.02
CA SER B 319 23.32 3.47 0.86
C SER B 319 21.81 3.21 1.10
N LEU B 320 21.41 2.99 2.37
CA LEU B 320 20.01 2.81 2.75
C LEU B 320 19.25 4.15 2.70
N VAL B 321 19.89 5.28 3.15
CA VAL B 321 19.29 6.62 3.08
C VAL B 321 19.03 6.89 1.59
N GLU B 322 20.06 6.68 0.73
CA GLU B 322 20.02 6.82 -0.75
C GLU B 322 18.81 6.05 -1.31
N PHE B 323 18.65 4.79 -0.89
CA PHE B 323 17.57 3.92 -1.31
C PHE B 323 16.19 4.41 -0.86
N PHE B 324 16.05 4.76 0.43
CA PHE B 324 14.78 5.24 0.97
C PHE B 324 14.39 6.57 0.31
N MET B 325 15.38 7.43 0.07
CA MET B 325 15.21 8.73 -0.57
C MET B 325 14.64 8.57 -1.99
N LYS B 326 15.11 7.54 -2.71
CA LYS B 326 14.69 7.17 -4.06
C LYS B 326 13.24 6.64 -3.99
N GLN B 327 12.95 5.78 -2.99
CA GLN B 327 11.65 5.16 -2.71
C GLN B 327 10.55 6.24 -2.48
N ILE B 328 10.82 7.23 -1.61
CA ILE B 328 9.90 8.33 -1.25
C ILE B 328 9.70 9.29 -2.44
N ALA B 329 10.65 9.38 -3.39
CA ALA B 329 10.52 10.22 -4.58
C ALA B 329 9.45 9.64 -5.50
N GLU B 330 9.50 8.30 -5.73
CA GLU B 330 8.54 7.55 -6.55
C GLU B 330 7.19 7.41 -5.83
N GLN B 331 7.10 7.92 -4.60
CA GLN B 331 5.89 7.91 -3.79
C GLN B 331 5.23 9.30 -3.67
N ALA B 332 6.04 10.35 -3.36
CA ALA B 332 5.59 11.70 -3.09
C ALA B 332 5.94 12.77 -4.13
N GLY B 333 6.82 12.43 -5.07
CA GLY B 333 7.26 13.37 -6.09
C GLY B 333 8.22 14.41 -5.54
N ILE B 334 8.84 14.11 -4.37
CA ILE B 334 9.83 14.98 -3.74
C ILE B 334 11.18 14.60 -4.32
N LYS B 335 11.90 15.58 -4.89
CA LYS B 335 13.21 15.36 -5.49
C LYS B 335 14.18 14.94 -4.38
N PRO B 336 14.83 13.75 -4.52
CA PRO B 336 15.78 13.29 -3.48
C PRO B 336 16.84 14.35 -3.18
N ARG B 337 17.14 14.55 -1.90
CA ARG B 337 18.09 15.57 -1.46
C ARG B 337 19.44 15.01 -1.04
N LYS B 338 20.44 15.87 -0.93
CA LYS B 338 21.76 15.46 -0.46
C LYS B 338 21.86 15.71 1.05
N ILE B 339 22.17 14.65 1.82
CA ILE B 339 22.33 14.73 3.28
C ILE B 339 23.76 15.22 3.52
N GLY B 340 23.88 16.28 4.32
CA GLY B 340 25.16 16.87 4.69
C GLY B 340 26.06 15.88 5.40
N PRO B 341 27.40 16.11 5.42
CA PRO B 341 28.29 15.15 6.08
C PRO B 341 28.08 15.12 7.58
N ASP B 342 27.74 16.26 8.19
CA ASP B 342 27.53 16.29 9.64
C ASP B 342 26.28 15.53 10.05
N ALA B 343 25.16 15.71 9.30
CA ALA B 343 23.90 14.98 9.56
C ALA B 343 24.19 13.45 9.40
N MET B 344 24.83 13.07 8.27
CA MET B 344 25.23 11.70 7.97
C MET B 344 26.13 11.09 9.06
N ALA B 345 27.11 11.87 9.54
CA ALA B 345 28.00 11.43 10.59
C ALA B 345 27.19 11.09 11.84
N VAL B 346 26.23 11.97 12.21
CA VAL B 346 25.37 11.82 13.38
C VAL B 346 24.44 10.61 13.22
N LEU B 347 23.81 10.46 12.01
CA LEU B 347 22.88 9.36 11.69
C LEU B 347 23.58 8.04 11.88
N GLN B 348 24.83 7.93 11.36
CA GLN B 348 25.65 6.71 11.43
C GLN B 348 26.02 6.30 12.85
N ALA B 349 26.09 7.29 13.76
CA ALA B 349 26.43 7.10 15.16
C ALA B 349 25.30 6.63 16.06
N HIS B 350 24.04 6.73 15.60
CA HIS B 350 22.87 6.39 16.42
C HIS B 350 22.70 4.88 16.67
N SER B 351 22.18 4.52 17.85
CA SER B 351 21.91 3.13 18.27
C SER B 351 20.74 2.48 17.48
N TRP B 352 19.87 3.31 16.87
CA TRP B 352 18.70 2.89 16.10
C TRP B 352 17.91 1.81 16.86
N PRO B 353 17.29 2.12 18.03
CA PRO B 353 16.50 1.07 18.72
C PRO B 353 15.45 0.44 17.80
N GLY B 354 14.85 1.29 16.95
CA GLY B 354 13.83 0.92 15.96
C GLY B 354 14.35 0.61 14.57
N ASN B 355 15.69 0.55 14.44
CA ASN B 355 16.52 0.17 13.28
C ASN B 355 16.08 0.80 11.97
N LEU B 356 15.80 -0.07 10.93
CA LEU B 356 15.46 0.34 9.55
C LEU B 356 14.12 0.98 9.42
N ARG B 357 13.13 0.56 10.28
CA ARG B 357 11.83 1.23 10.26
C ARG B 357 12.00 2.68 10.71
N GLN B 358 12.83 2.90 11.77
CA GLN B 358 13.15 4.21 12.33
C GLN B 358 14.03 5.03 11.38
N LEU B 359 14.99 4.38 10.68
CA LEU B 359 15.85 5.06 9.72
C LEU B 359 15.00 5.63 8.58
N ARG B 360 14.13 4.80 7.97
CA ARG B 360 13.27 5.19 6.87
C ARG B 360 12.37 6.39 7.22
N ASN B 361 11.66 6.32 8.38
CA ASN B 361 10.80 7.37 8.93
C ASN B 361 11.55 8.70 9.06
N ASN B 362 12.79 8.63 9.54
CA ASN B 362 13.66 9.80 9.69
C ASN B 362 14.04 10.39 8.35
N VAL B 363 14.36 9.54 7.35
CA VAL B 363 14.76 9.93 6.00
C VAL B 363 13.58 10.67 5.36
N GLU B 364 12.38 10.10 5.52
CA GLU B 364 11.13 10.66 5.03
C GLU B 364 10.88 12.01 5.68
N ARG B 365 11.00 12.11 7.03
CA ARG B 365 10.78 13.37 7.75
C ARG B 365 11.63 14.48 7.16
N LEU B 366 12.88 14.14 6.78
CA LEU B 366 13.81 15.07 6.17
C LEU B 366 13.35 15.51 4.79
N MET B 367 12.77 14.58 3.99
CA MET B 367 12.25 14.87 2.64
C MET B 367 11.11 15.88 2.71
N ILE B 368 10.20 15.68 3.68
CA ILE B 368 9.02 16.53 3.92
C ILE B 368 9.47 17.94 4.33
N LEU B 369 10.30 18.06 5.38
CA LEU B 369 10.74 19.35 5.90
C LEU B 369 11.52 20.21 4.91
N THR B 370 12.31 19.59 4.01
CA THR B 370 13.18 20.29 3.06
C THR B 370 12.59 20.42 1.65
N ARG B 371 11.39 19.87 1.44
CA ARG B 371 10.66 19.83 0.18
C ARG B 371 10.61 21.18 -0.56
N GLY B 372 10.29 22.26 0.16
CA GLY B 372 10.19 23.60 -0.42
C GLY B 372 11.48 24.20 -0.94
N ASP B 373 12.59 23.82 -0.29
CA ASP B 373 13.96 24.27 -0.50
C ASP B 373 14.56 23.91 -1.85
N ASP B 374 15.69 24.57 -2.18
CA ASP B 374 16.46 24.34 -3.41
C ASP B 374 17.11 22.96 -3.35
N PRO B 375 17.12 22.21 -4.48
CA PRO B 375 17.75 20.87 -4.47
C PRO B 375 19.25 20.90 -4.18
N ASP B 376 19.90 22.04 -4.47
CA ASP B 376 21.33 22.26 -4.23
C ASP B 376 21.66 22.34 -2.73
N GLU B 377 20.69 22.76 -1.88
CA GLU B 377 20.91 22.86 -0.44
C GLU B 377 20.96 21.48 0.24
N LEU B 378 21.94 21.29 1.15
CA LEU B 378 22.22 20.07 1.89
C LEU B 378 21.40 19.96 3.18
N VAL B 379 21.03 18.71 3.56
CA VAL B 379 20.27 18.42 4.77
C VAL B 379 21.24 18.52 5.93
N THR B 380 21.00 19.44 6.84
CA THR B 380 21.91 19.68 7.95
C THR B 380 21.44 19.05 9.26
N ALA B 381 22.39 18.66 10.13
CA ALA B 381 22.17 17.97 11.40
C ALA B 381 21.14 18.62 12.33
N ASP B 382 21.00 19.97 12.27
CA ASP B 382 20.05 20.74 13.06
C ASP B 382 18.59 20.24 12.85
N LEU B 383 18.32 19.67 11.64
CA LEU B 383 17.04 19.11 11.22
C LEU B 383 16.73 17.76 11.84
N LEU B 384 17.76 17.07 12.35
CA LEU B 384 17.57 15.76 12.94
C LEU B 384 16.81 15.89 14.25
N PRO B 385 15.92 14.92 14.62
CA PRO B 385 15.20 15.05 15.89
C PRO B 385 16.10 14.82 17.10
N ALA B 386 15.66 15.31 18.27
CA ALA B 386 16.38 15.27 19.55
C ALA B 386 16.90 13.92 19.98
N GLU B 387 16.26 12.82 19.56
CA GLU B 387 16.73 11.47 19.91
C GLU B 387 17.99 11.12 19.11
N ILE B 388 18.06 11.61 17.86
CA ILE B 388 19.17 11.41 16.93
C ILE B 388 20.19 12.50 17.24
N HIS B 402 0.89 20.10 30.74
CA HIS B 402 1.14 20.58 29.37
C HIS B 402 0.08 21.59 28.94
N ILE B 403 0.57 22.78 28.57
CA ILE B 403 -0.18 23.98 28.17
C ILE B 403 -1.39 23.66 27.29
N MET B 404 -1.16 22.98 26.18
CA MET B 404 -2.20 22.65 25.19
C MET B 404 -3.33 21.79 25.76
N ALA B 405 -3.07 20.99 26.80
CA ALA B 405 -4.10 20.15 27.42
C ALA B 405 -4.79 20.84 28.61
N LEU B 406 -4.28 22.00 29.05
CA LEU B 406 -4.75 22.76 30.21
C LEU B 406 -5.74 23.92 29.92
N PRO B 407 -6.61 24.33 30.88
CA PRO B 407 -7.47 25.50 30.65
C PRO B 407 -6.63 26.80 30.76
N LEU B 408 -7.23 27.99 30.53
CA LEU B 408 -6.51 29.27 30.54
C LEU B 408 -5.75 29.59 31.86
N ARG B 409 -6.41 29.57 33.05
CA ARG B 409 -5.78 29.93 34.32
C ARG B 409 -4.63 29.02 34.66
N GLU B 410 -4.82 27.71 34.51
CA GLU B 410 -3.81 26.67 34.76
C GLU B 410 -2.60 26.84 33.85
N ALA B 411 -2.85 27.04 32.53
CA ALA B 411 -1.82 27.25 31.50
C ALA B 411 -1.04 28.52 31.77
N ARG B 412 -1.75 29.59 32.18
CA ARG B 412 -1.15 30.89 32.50
C ARG B 412 -0.19 30.67 33.68
N GLU B 413 -0.66 29.95 34.73
CA GLU B 413 0.12 29.64 35.92
C GLU B 413 1.40 28.83 35.60
N ARG B 414 1.29 27.72 34.84
CA ARG B 414 2.47 26.96 34.43
C ARG B 414 3.44 27.85 33.65
N PHE B 415 2.91 28.71 32.73
CA PHE B 415 3.75 29.60 31.94
C PHE B 415 4.56 30.45 32.86
N GLU B 416 3.89 31.25 33.71
CA GLU B 416 4.51 32.18 34.67
C GLU B 416 5.62 31.49 35.49
N LYS B 417 5.30 30.31 36.08
CA LYS B 417 6.20 29.47 36.88
C LYS B 417 7.48 29.14 36.11
N GLU B 418 7.33 28.47 34.95
CA GLU B 418 8.42 28.09 34.06
C GLU B 418 9.21 29.26 33.57
N TYR B 419 8.55 30.36 33.18
CA TYR B 419 9.18 31.61 32.74
C TYR B 419 10.13 32.14 33.83
N LEU B 420 9.66 32.23 35.09
CA LEU B 420 10.47 32.74 36.19
C LEU B 420 11.63 31.80 36.50
N ILE B 421 11.37 30.47 36.56
CA ILE B 421 12.40 29.45 36.74
C ILE B 421 13.53 29.64 35.69
N ALA B 422 13.14 29.75 34.40
CA ALA B 422 14.05 30.00 33.28
C ALA B 422 14.82 31.32 33.43
N GLN B 423 14.18 32.38 33.97
CA GLN B 423 14.81 33.68 34.18
C GLN B 423 15.83 33.64 35.32
N ILE B 424 15.48 32.97 36.43
CA ILE B 424 16.36 32.79 37.59
C ILE B 424 17.63 32.05 37.09
N ASN B 425 17.46 30.91 36.39
CA ASN B 425 18.56 30.15 35.82
C ASN B 425 19.39 31.01 34.87
N ARG B 426 18.75 31.82 34.00
CA ARG B 426 19.43 32.73 33.08
C ARG B 426 20.37 33.67 33.85
N PHE B 427 19.91 34.24 34.98
CA PHE B 427 20.67 35.17 35.82
C PHE B 427 21.44 34.42 36.92
N GLY B 428 21.55 33.10 36.76
CA GLY B 428 22.28 32.22 37.67
C GLY B 428 21.90 32.24 39.14
N GLY B 429 20.64 32.47 39.44
CA GLY B 429 20.15 32.49 40.80
C GLY B 429 20.03 33.86 41.44
N ASN B 430 20.51 34.95 40.76
CA ASN B 430 20.39 36.29 41.35
C ASN B 430 18.94 36.78 41.33
N ILE B 431 18.14 36.42 42.38
CA ILE B 431 16.73 36.77 42.54
C ILE B 431 16.49 38.28 42.34
N SER B 432 17.37 39.13 42.91
CA SER B 432 17.30 40.59 42.78
C SER B 432 17.46 41.07 41.33
N ARG B 433 18.36 40.44 40.55
CA ARG B 433 18.58 40.79 39.14
C ARG B 433 17.42 40.33 38.29
N THR B 434 16.92 39.11 38.61
CA THR B 434 15.76 38.48 37.99
C THR B 434 14.56 39.43 38.16
N ALA B 435 14.14 39.66 39.44
CA ALA B 435 13.06 40.58 39.83
C ALA B 435 13.09 41.91 39.07
N GLU B 436 14.25 42.59 39.01
CA GLU B 436 14.36 43.85 38.31
C GLU B 436 14.09 43.74 36.82
N PHE B 437 14.67 42.70 36.14
CA PHE B 437 14.48 42.44 34.70
C PHE B 437 13.01 42.08 34.40
N VAL B 438 12.46 41.12 35.16
CA VAL B 438 11.10 40.62 35.15
C VAL B 438 10.03 41.74 35.38
N GLY B 439 10.40 42.76 36.17
CA GLY B 439 9.54 43.90 36.49
C GLY B 439 8.85 43.77 37.83
N MET B 440 9.48 43.05 38.75
CA MET B 440 9.00 42.79 40.09
C MET B 440 9.96 43.31 41.18
N GLU B 441 9.45 43.43 42.40
CA GLU B 441 10.18 43.83 43.59
C GLU B 441 10.64 42.52 44.23
N ARG B 442 11.85 42.50 44.84
CA ARG B 442 12.48 41.31 45.43
C ARG B 442 11.54 40.42 46.25
N SER B 443 10.89 40.95 47.29
CA SER B 443 10.01 40.17 48.18
C SER B 443 8.80 39.59 47.47
N ALA B 444 8.27 40.35 46.48
CA ALA B 444 7.13 39.97 45.66
C ALA B 444 7.44 38.77 44.77
N LEU B 445 8.70 38.71 44.27
CA LEU B 445 9.14 37.59 43.46
C LEU B 445 9.23 36.35 44.34
N HIS B 446 9.81 36.49 45.56
CA HIS B 446 9.94 35.39 46.52
C HIS B 446 8.59 34.78 46.79
N ARG B 447 7.60 35.63 47.18
CA ARG B 447 6.22 35.23 47.48
C ARG B 447 5.55 34.60 46.29
N LYS B 448 5.79 35.14 45.06
CA LYS B 448 5.19 34.60 43.83
C LYS B 448 5.71 33.19 43.59
N LEU B 449 7.05 33.00 43.69
CA LEU B 449 7.72 31.72 43.53
C LEU B 449 7.14 30.69 44.51
N LYS B 450 6.94 31.07 45.79
CA LYS B 450 6.37 30.22 46.84
C LYS B 450 4.98 29.76 46.45
N SER B 451 4.10 30.72 46.07
CA SER B 451 2.73 30.50 45.63
C SER B 451 2.67 29.55 44.41
N LEU B 452 3.64 29.69 43.47
CA LEU B 452 3.70 28.84 42.28
C LEU B 452 4.22 27.43 42.59
N GLY B 453 4.84 27.26 43.77
CA GLY B 453 5.37 26.00 44.25
C GLY B 453 6.76 25.69 43.75
N VAL B 454 7.71 26.60 44.03
CA VAL B 454 9.11 26.50 43.60
C VAL B 454 10.04 26.22 44.79
MG MG C . -21.54 -35.07 -15.05
PG ATP D . 2.25 14.77 -2.47
O1G ATP D . 2.85 14.49 -1.09
O2G ATP D . 2.04 13.50 -3.37
O3G ATP D . 3.10 15.74 -3.31
PB ATP D . -0.68 14.90 -2.54
O1B ATP D . -1.64 16.02 -2.42
O2B ATP D . -0.80 14.26 -3.94
O3B ATP D . 0.80 15.43 -2.29
PA ATP D . -1.12 12.19 -1.58
O1A ATP D . -2.54 11.72 -1.95
O2A ATP D . -0.11 11.75 -2.59
O3A ATP D . -1.09 13.78 -1.48
O5' ATP D . -0.74 11.61 -0.18
C5' ATP D . -1.20 12.11 1.09
C4' ATP D . -1.00 11.04 2.14
O4' ATP D . -2.10 11.04 3.06
C3' ATP D . -0.93 9.60 1.64
O3' ATP D . -0.10 8.82 2.52
C2' ATP D . -2.39 9.18 1.60
O2' ATP D . -2.61 7.81 1.90
C1' ATP D . -3.00 10.00 2.75
N9 ATP D . -4.33 10.59 2.45
C8 ATP D . -4.57 11.64 1.66
N7 ATP D . -5.81 12.14 1.79
C5 ATP D . -6.37 11.29 2.75
C6 ATP D . -7.60 11.36 3.43
N6 ATP D . -8.54 12.28 3.23
N1 ATP D . -7.82 10.42 4.39
C2 ATP D . -6.89 9.48 4.62
N3 ATP D . -5.70 9.35 4.04
C4 ATP D . -5.47 10.30 3.13
MG MG E . -3.47 -19.11 -38.22
PG ATP F . 9.02 -4.98 13.12
O1G ATP F . 9.10 -3.50 13.04
O2G ATP F . 7.97 -5.67 12.17
O3G ATP F . 8.95 -5.49 14.59
PB ATP F . 10.88 -6.46 11.42
O1B ATP F . 10.38 -7.87 11.70
O2B ATP F . 12.33 -6.45 11.32
O3B ATP F . 10.43 -5.54 12.64
PA ATP F . 10.53 -5.37 8.66
O1A ATP F . 9.68 -6.04 7.67
O2A ATP F . 11.90 -5.76 8.39
O3A ATP F . 10.16 -5.91 10.12
O5' ATP F . 10.45 -3.78 8.72
C5' ATP F . 11.57 -2.87 8.60
C4' ATP F . 11.38 -1.81 7.54
O4' ATP F . 12.64 -1.55 6.88
C3' ATP F . 10.42 -2.13 6.41
O3' ATP F . 9.95 -0.96 5.78
C2' ATP F . 11.31 -2.89 5.43
O2' ATP F . 10.75 -2.87 4.12
C1' ATP F . 12.63 -2.13 5.58
N9 ATP F . 13.83 -2.93 5.41
C8 ATP F . 14.28 -3.93 6.24
N7 ATP F . 15.40 -4.48 5.85
C5 ATP F . 15.71 -3.82 4.67
C6 ATP F . 16.76 -3.96 3.75
N6 ATP F . 17.78 -4.82 3.90
N1 ATP F . 16.75 -3.15 2.66
C2 ATP F . 15.76 -2.25 2.54
N3 ATP F . 14.73 -2.02 3.35
C4 ATP F . 14.74 -2.86 4.41
#